data_3N3Z
#
_entry.id   3N3Z
#
_cell.length_a   104.090
_cell.length_b   104.090
_cell.length_c   270.210
_cell.angle_alpha   90.00
_cell.angle_beta   90.00
_cell.angle_gamma   90.00
#
_symmetry.space_group_name_H-M   'P 41 21 2'
#
loop_
_entity.id
_entity.type
_entity.pdbx_description
1 polymer "High affinity cGMP-specific 3',5'-cyclic phosphodiesterase 9A"
2 non-polymer 3-ISOBUTYL-1-METHYLXANTHINE
3 non-polymer 'ZINC ION'
4 non-polymer 'MAGNESIUM ION'
5 non-polymer 'CHLORIDE ION'
6 water water
#
_entity_poly.entity_id   1
_entity_poly.type   'polypeptide(L)'
_entity_poly.pdbx_seq_one_letter_code
;PTYPKYLLSPETIEALRKPTFDVWLWEPNEMLSCLEHMYHDLGLVRDFSINPVTLRRWLFCVHDNYRNNPFHNFRHCFCV
AQMMYSMVWLCSLQEKFSQTDILILMTAAICHDLDHPGYNNTYQINARTELAVRYNDISPLENHHCAVAFQILAEPECNI
FSNIPPDGFKQIRQGMITLILATDMARHAEIMDSFKEKMENFDYSNEEHMTLLKMILIKCCDISNAVRPMEVAEPWVDCL
LEEYFMQSDREKSEGLPVAPFMDRDKVTKATAQIGFIKFVLIPMFETVTKLFPMVEEIMLQPLWESRDRYEELKRIDDAM
KELQKK
;
_entity_poly.pdbx_strand_id   A,B
#
loop_
_chem_comp.id
_chem_comp.type
_chem_comp.name
_chem_comp.formula
CL non-polymer 'CHLORIDE ION' 'Cl -1'
IBM non-polymer 3-ISOBUTYL-1-METHYLXANTHINE 'C10 H14 N4 O2'
MG non-polymer 'MAGNESIUM ION' 'Mg 2'
ZN non-polymer 'ZINC ION' 'Zn 2'
#
# COMPACT_ATOMS: atom_id res chain seq x y z
N PRO A 1 15.44 11.95 -0.88
CA PRO A 1 16.23 11.53 -2.03
C PRO A 1 15.67 10.27 -2.73
N THR A 2 16.37 9.14 -2.65
CA THR A 2 16.05 7.90 -3.38
C THR A 2 14.90 7.06 -2.79
N TYR A 3 13.69 7.27 -3.30
CA TYR A 3 12.55 6.38 -3.02
C TYR A 3 12.46 5.32 -4.12
N PRO A 4 12.04 4.08 -3.80
CA PRO A 4 11.87 3.09 -4.86
C PRO A 4 10.90 3.59 -5.94
N LYS A 5 10.97 3.01 -7.13
CA LYS A 5 10.07 3.38 -8.22
C LYS A 5 8.58 3.23 -7.82
N TYR A 6 8.25 2.16 -7.07
CA TYR A 6 6.85 1.87 -6.72
C TYR A 6 6.22 2.72 -5.62
N LEU A 7 7.01 3.61 -5.02
CA LEU A 7 6.46 4.67 -4.20
C LEU A 7 6.27 5.90 -5.07
N LEU A 8 5.01 6.24 -5.32
CA LEU A 8 4.68 7.27 -6.28
C LEU A 8 4.89 8.66 -5.70
N SER A 9 5.53 9.52 -6.47
CA SER A 9 5.78 10.89 -6.08
C SER A 9 4.45 11.64 -5.90
N PRO A 10 4.45 12.73 -5.11
CA PRO A 10 3.25 13.57 -5.05
C PRO A 10 2.86 14.21 -6.40
N GLU A 11 3.86 14.41 -7.26
CA GLU A 11 3.63 14.89 -8.63
C GLU A 11 2.90 13.84 -9.45
N THR A 12 3.30 12.58 -9.31
CA THR A 12 2.64 11.48 -9.99
C THR A 12 1.19 11.36 -9.52
N ILE A 13 0.99 11.20 -8.22
CA ILE A 13 -0.35 11.19 -7.60
C ILE A 13 -1.24 12.30 -8.14
N GLU A 14 -0.62 13.44 -8.43
CA GLU A 14 -1.31 14.61 -8.95
C GLU A 14 -1.72 14.44 -10.42
N ALA A 15 -0.76 14.04 -11.27
CA ALA A 15 -0.98 13.90 -12.71
C ALA A 15 -1.99 12.80 -13.07
N LEU A 16 -2.16 11.86 -12.15
CA LEU A 16 -3.07 10.75 -12.28
C LEU A 16 -4.50 11.22 -12.48
N ARG A 17 -4.80 12.45 -12.08
CA ARG A 17 -6.15 12.97 -12.18
C ARG A 17 -6.46 13.54 -13.55
N LYS A 18 -5.43 13.76 -14.37
CA LYS A 18 -5.60 14.39 -15.69
C LYS A 18 -5.50 13.39 -16.84
N PRO A 19 -6.20 13.67 -17.93
CA PRO A 19 -6.15 12.83 -19.14
C PRO A 19 -4.90 13.05 -19.99
N THR A 20 -4.03 13.95 -19.55
CA THR A 20 -2.75 14.15 -20.22
C THR A 20 -1.69 13.20 -19.66
N PHE A 21 -2.10 12.38 -18.69
CA PHE A 21 -1.18 11.46 -18.05
C PHE A 21 -0.47 10.54 -19.06
N ASP A 22 0.85 10.42 -18.93
CA ASP A 22 1.63 9.62 -19.86
C ASP A 22 1.73 8.17 -19.38
N VAL A 23 0.94 7.31 -19.99
CA VAL A 23 0.83 5.90 -19.56
C VAL A 23 2.05 5.05 -19.90
N TRP A 24 2.92 5.58 -20.76
CA TRP A 24 4.05 4.81 -21.28
C TRP A 24 5.25 4.76 -20.36
N LEU A 25 5.35 5.72 -19.45
CA LEU A 25 6.52 5.80 -18.57
C LEU A 25 6.63 4.73 -17.50
N TRP A 26 5.64 3.85 -17.37
CA TRP A 26 5.54 3.08 -16.13
C TRP A 26 5.70 1.59 -16.28
N GLU A 27 6.39 1.01 -15.32
CA GLU A 27 6.60 -0.41 -15.23
C GLU A 27 5.37 -1.01 -14.58
N PRO A 28 5.09 -2.29 -14.83
CA PRO A 28 3.95 -2.98 -14.22
C PRO A 28 3.70 -2.64 -12.75
N ASN A 29 4.71 -2.80 -11.90
CA ASN A 29 4.54 -2.57 -10.46
C ASN A 29 4.08 -1.14 -10.11
N GLU A 30 4.41 -0.18 -10.97
CA GLU A 30 4.07 1.22 -10.73
C GLU A 30 2.62 1.43 -11.10
N MET A 31 2.23 0.78 -12.20
CA MET A 31 0.86 0.81 -12.71
C MET A 31 -0.07 0.20 -11.67
N LEU A 32 0.43 -0.85 -11.01
CA LEU A 32 -0.30 -1.47 -9.92
C LEU A 32 -0.50 -0.52 -8.75
N SER A 33 0.56 0.21 -8.39
CA SER A 33 0.50 1.13 -7.27
C SER A 33 -0.45 2.25 -7.57
N CYS A 34 -0.50 2.66 -8.83
CA CYS A 34 -1.44 3.68 -9.28
C CYS A 34 -2.90 3.23 -9.16
N LEU A 35 -3.18 2.01 -9.60
CA LEU A 35 -4.53 1.50 -9.53
C LEU A 35 -4.96 1.36 -8.08
N GLU A 36 -4.05 0.87 -7.25
CA GLU A 36 -4.25 0.85 -5.82
C GLU A 36 -4.60 2.24 -5.29
N HIS A 37 -3.82 3.24 -5.66
CA HIS A 37 -4.08 4.57 -5.15
C HIS A 37 -5.50 5.00 -5.45
N MET A 38 -5.95 4.72 -6.68
CA MET A 38 -7.28 5.08 -7.11
C MET A 38 -8.39 4.53 -6.20
N TYR A 39 -8.29 3.27 -5.83
CA TYR A 39 -9.32 2.69 -4.97
C TYR A 39 -9.38 3.38 -3.60
N HIS A 40 -8.24 3.74 -3.04
CA HIS A 40 -8.22 4.49 -1.79
C HIS A 40 -8.73 5.91 -1.99
N ASP A 41 -8.13 6.62 -2.93
CA ASP A 41 -8.48 8.02 -3.20
C ASP A 41 -9.96 8.29 -3.47
N LEU A 42 -10.68 7.32 -4.03
CA LEU A 42 -12.09 7.48 -4.35
C LEU A 42 -13.00 7.02 -3.20
N GLY A 43 -12.40 6.50 -2.13
CA GLY A 43 -13.15 6.14 -0.95
C GLY A 43 -13.74 4.76 -1.07
N LEU A 44 -13.32 4.02 -2.08
CA LEU A 44 -13.84 2.68 -2.31
C LEU A 44 -13.40 1.68 -1.25
N VAL A 45 -12.15 1.77 -0.79
CA VAL A 45 -11.67 0.89 0.25
C VAL A 45 -12.47 1.14 1.53
N ARG A 46 -12.54 2.41 1.89
CA ARG A 46 -13.33 2.91 3.02
C ARG A 46 -14.81 2.44 2.95
N ASP A 47 -15.53 2.85 1.92
CA ASP A 47 -16.96 2.57 1.81
C ASP A 47 -17.36 1.10 1.60
N PHE A 48 -16.41 0.25 1.23
CA PHE A 48 -16.75 -1.16 0.96
C PHE A 48 -15.92 -2.12 1.80
N SER A 49 -15.17 -1.57 2.75
CA SER A 49 -14.34 -2.38 3.66
C SER A 49 -13.45 -3.33 2.89
N ILE A 50 -12.76 -2.84 1.88
CA ILE A 50 -11.86 -3.70 1.13
C ILE A 50 -10.59 -3.88 1.94
N ASN A 51 -10.23 -5.12 2.24
CA ASN A 51 -8.95 -5.41 2.87
C ASN A 51 -7.83 -4.88 1.99
N PRO A 52 -7.07 -3.90 2.50
CA PRO A 52 -6.01 -3.27 1.70
C PRO A 52 -5.06 -4.26 0.99
N VAL A 53 -4.77 -5.39 1.63
CA VAL A 53 -3.85 -6.39 1.07
C VAL A 53 -4.53 -7.19 -0.04
N THR A 54 -5.76 -7.63 0.21
CA THR A 54 -6.57 -8.32 -0.79
C THR A 54 -6.63 -7.49 -2.09
N LEU A 55 -6.75 -6.17 -1.95
CA LEU A 55 -6.69 -5.27 -3.09
C LEU A 55 -5.42 -5.48 -3.90
N ARG A 56 -4.29 -5.52 -3.19
CA ARG A 56 -3.00 -5.70 -3.84
C ARG A 56 -2.91 -7.06 -4.49
N ARG A 57 -3.25 -8.11 -3.74
CA ARG A 57 -3.23 -9.45 -4.32
C ARG A 57 -4.16 -9.53 -5.55
N TRP A 58 -5.36 -8.95 -5.43
CA TRP A 58 -6.32 -8.93 -6.53
C TRP A 58 -5.72 -8.27 -7.76
N LEU A 59 -5.13 -7.10 -7.57
CA LEU A 59 -4.53 -6.36 -8.66
C LEU A 59 -3.44 -7.17 -9.36
N PHE A 60 -2.68 -7.91 -8.57
CA PHE A 60 -1.57 -8.70 -9.06
C PHE A 60 -2.06 -9.88 -9.89
N CYS A 61 -3.12 -10.53 -9.40
CA CYS A 61 -3.76 -11.61 -10.13
C CYS A 61 -4.36 -11.12 -11.44
N VAL A 62 -5.00 -9.95 -11.41
CA VAL A 62 -5.51 -9.34 -12.62
C VAL A 62 -4.36 -9.16 -13.62
N HIS A 63 -3.25 -8.59 -13.15
CA HIS A 63 -2.04 -8.42 -13.97
C HIS A 63 -1.61 -9.73 -14.60
N ASP A 64 -1.54 -10.77 -13.78
CA ASP A 64 -1.10 -12.06 -14.25
C ASP A 64 -1.97 -12.58 -15.39
N ASN A 65 -3.24 -12.18 -15.41
CA ASN A 65 -4.22 -12.73 -16.34
C ASN A 65 -4.42 -11.91 -17.60
N TYR A 66 -3.65 -10.84 -17.74
CA TYR A 66 -3.57 -10.14 -19.00
C TYR A 66 -2.46 -10.77 -19.83
N ARG A 67 -2.62 -10.77 -21.15
CA ARG A 67 -1.63 -11.39 -22.03
C ARG A 67 -0.69 -10.37 -22.64
N ASN A 68 0.36 -10.87 -23.32
CA ASN A 68 1.38 -10.03 -23.95
C ASN A 68 1.06 -9.64 -25.37
N ASN A 69 -0.10 -9.04 -25.57
CA ASN A 69 -0.50 -8.60 -26.87
C ASN A 69 0.13 -7.24 -27.12
N PRO A 70 0.27 -6.87 -28.41
CA PRO A 70 0.70 -5.53 -28.76
C PRO A 70 -0.22 -4.47 -28.19
N PHE A 71 -1.53 -4.68 -28.24
CA PHE A 71 -2.47 -3.66 -27.77
C PHE A 71 -3.24 -4.16 -26.54
N HIS A 72 -3.93 -5.29 -26.70
CA HIS A 72 -4.85 -5.79 -25.67
C HIS A 72 -4.09 -6.41 -24.52
N ASN A 73 -3.42 -5.54 -23.78
CA ASN A 73 -2.57 -5.98 -22.69
C ASN A 73 -2.86 -5.20 -21.42
N PHE A 74 -2.06 -5.46 -20.41
CA PHE A 74 -2.25 -4.82 -19.14
C PHE A 74 -2.11 -3.28 -19.17
N ARG A 75 -1.18 -2.77 -19.95
CA ARG A 75 -1.02 -1.32 -20.06
C ARG A 75 -2.30 -0.65 -20.60
N HIS A 76 -2.99 -1.34 -21.50
CA HIS A 76 -4.27 -0.85 -21.99
C HIS A 76 -5.33 -0.78 -20.89
N CYS A 77 -5.44 -1.83 -20.08
CA CYS A 77 -6.44 -1.78 -19.05
C CYS A 77 -6.12 -0.70 -18.05
N PHE A 78 -4.84 -0.55 -17.72
CA PHE A 78 -4.41 0.56 -16.89
C PHE A 78 -4.83 1.89 -17.51
N CYS A 79 -4.61 2.01 -18.80
CA CYS A 79 -4.91 3.23 -19.52
C CYS A 79 -6.41 3.55 -19.41
N VAL A 80 -7.24 2.52 -19.56
CA VAL A 80 -8.69 2.68 -19.52
C VAL A 80 -9.13 3.09 -18.13
N ALA A 81 -8.66 2.36 -17.12
CA ALA A 81 -8.99 2.65 -15.75
C ALA A 81 -8.47 4.03 -15.31
N GLN A 82 -7.34 4.47 -15.86
CA GLN A 82 -6.82 5.78 -15.52
C GLN A 82 -7.71 6.87 -16.12
N MET A 83 -8.23 6.64 -17.32
CA MET A 83 -9.11 7.60 -17.96
C MET A 83 -10.42 7.72 -17.17
N MET A 84 -10.89 6.59 -16.65
CA MET A 84 -12.13 6.53 -15.89
C MET A 84 -11.97 7.34 -14.61
N TYR A 85 -10.84 7.18 -13.97
CA TYR A 85 -10.54 7.91 -12.75
C TYR A 85 -10.54 9.44 -13.00
N SER A 86 -10.06 9.85 -14.17
CA SER A 86 -10.04 11.25 -14.56
C SER A 86 -11.43 11.79 -14.76
N MET A 87 -12.27 10.97 -15.39
CA MET A 87 -13.66 11.32 -15.62
C MET A 87 -14.34 11.62 -14.30
N VAL A 88 -14.01 10.85 -13.28
CA VAL A 88 -14.65 11.00 -11.99
C VAL A 88 -14.38 12.38 -11.43
N TRP A 89 -13.17 12.90 -11.66
CA TRP A 89 -12.85 14.25 -11.22
C TRP A 89 -13.33 15.30 -12.20
N LEU A 90 -12.85 15.24 -13.42
CA LEU A 90 -13.27 16.18 -14.44
C LEU A 90 -14.79 16.44 -14.39
N CYS A 91 -15.59 15.39 -14.44
CA CYS A 91 -17.04 15.55 -14.57
C CYS A 91 -17.77 15.54 -13.23
N SER A 92 -17.02 15.58 -12.13
CA SER A 92 -17.60 15.53 -10.78
C SER A 92 -18.67 14.45 -10.61
N LEU A 93 -18.34 13.22 -11.03
CA LEU A 93 -19.30 12.13 -11.09
C LEU A 93 -19.83 11.67 -9.73
N GLN A 94 -19.13 12.02 -8.65
CA GLN A 94 -19.55 11.59 -7.32
C GLN A 94 -20.75 12.36 -6.79
N GLU A 95 -21.11 13.42 -7.51
CA GLU A 95 -22.34 14.16 -7.24
C GLU A 95 -23.51 13.53 -7.97
N LYS A 96 -23.22 12.60 -8.86
CA LYS A 96 -24.26 12.00 -9.69
C LYS A 96 -24.42 10.50 -9.42
N PHE A 97 -23.37 9.86 -8.93
CA PHE A 97 -23.36 8.40 -8.82
C PHE A 97 -23.14 7.94 -7.40
N SER A 98 -23.77 6.82 -7.05
CA SER A 98 -23.48 6.17 -5.79
C SER A 98 -22.04 5.67 -5.78
N GLN A 99 -21.53 5.35 -4.60
CA GLN A 99 -20.23 4.73 -4.49
C GLN A 99 -20.24 3.35 -5.10
N THR A 100 -21.40 2.73 -5.12
CA THR A 100 -21.56 1.43 -5.74
C THR A 100 -21.37 1.55 -7.25
N ASP A 101 -21.98 2.57 -7.85
CA ASP A 101 -21.78 2.89 -9.26
C ASP A 101 -20.31 3.06 -9.66
N ILE A 102 -19.56 3.84 -8.87
CA ILE A 102 -18.15 4.12 -9.12
C ILE A 102 -17.34 2.84 -9.05
N LEU A 103 -17.60 2.04 -8.03
CA LEU A 103 -16.91 0.79 -7.87
C LEU A 103 -17.13 -0.07 -9.11
N ILE A 104 -18.37 -0.12 -9.60
CA ILE A 104 -18.66 -0.88 -10.81
C ILE A 104 -17.83 -0.33 -11.98
N LEU A 105 -17.85 1.00 -12.12
CA LEU A 105 -17.15 1.64 -13.23
C LEU A 105 -15.65 1.32 -13.20
N MET A 106 -15.01 1.54 -12.06
CA MET A 106 -13.58 1.25 -11.91
C MET A 106 -13.26 -0.23 -12.13
N THR A 107 -13.97 -1.11 -11.43
CA THR A 107 -13.65 -2.52 -11.51
C THR A 107 -13.82 -3.08 -12.92
N ALA A 108 -14.93 -2.73 -13.58
CA ALA A 108 -15.16 -3.17 -14.93
C ALA A 108 -14.10 -2.62 -15.88
N ALA A 109 -13.64 -1.40 -15.63
CA ALA A 109 -12.58 -0.84 -16.47
C ALA A 109 -11.33 -1.72 -16.38
N ILE A 110 -10.99 -2.10 -15.16
CA ILE A 110 -9.82 -2.90 -14.92
C ILE A 110 -9.97 -4.29 -15.51
N CYS A 111 -11.16 -4.88 -15.39
CA CYS A 111 -11.36 -6.25 -15.85
C CYS A 111 -11.74 -6.44 -17.33
N HIS A 112 -12.02 -5.34 -18.03
CA HIS A 112 -12.78 -5.43 -19.27
C HIS A 112 -12.14 -6.19 -20.44
N ASP A 113 -10.82 -6.33 -20.48
CA ASP A 113 -10.17 -7.14 -21.54
C ASP A 113 -9.40 -8.33 -21.02
N LEU A 114 -9.73 -8.84 -19.83
CA LEU A 114 -8.94 -9.93 -19.27
C LEU A 114 -8.75 -11.11 -20.24
N ASP A 115 -7.53 -11.62 -20.31
CA ASP A 115 -7.19 -12.83 -21.08
C ASP A 115 -7.54 -12.75 -22.59
N HIS A 116 -7.36 -11.56 -23.16
CA HIS A 116 -7.64 -11.30 -24.56
C HIS A 116 -6.60 -11.99 -25.45
N PRO A 117 -7.06 -12.78 -26.42
CA PRO A 117 -6.15 -13.54 -27.28
C PRO A 117 -5.41 -12.72 -28.34
N GLY A 118 -5.89 -11.52 -28.62
CA GLY A 118 -5.30 -10.70 -29.69
C GLY A 118 -5.97 -10.92 -31.03
N TYR A 119 -7.09 -11.63 -31.04
CA TYR A 119 -7.92 -11.81 -32.25
C TYR A 119 -9.34 -11.50 -31.86
N ASN A 120 -10.02 -10.70 -32.69
CA ASN A 120 -11.32 -10.19 -32.30
C ASN A 120 -12.46 -11.23 -32.44
N ASN A 121 -13.68 -10.82 -32.14
CA ASN A 121 -14.86 -11.71 -32.20
C ASN A 121 -15.06 -12.32 -33.58
N THR A 122 -14.98 -11.46 -34.62
CA THR A 122 -15.11 -11.92 -36.00
C THR A 122 -14.13 -13.06 -36.30
N TYR A 123 -12.93 -12.99 -35.76
CA TYR A 123 -12.04 -14.10 -35.95
C TYR A 123 -12.54 -15.35 -35.26
N GLN A 124 -13.00 -15.22 -34.01
CA GLN A 124 -13.45 -16.38 -33.24
C GLN A 124 -14.63 -17.09 -33.93
N ILE A 125 -15.60 -16.30 -34.36
CA ILE A 125 -16.81 -16.81 -34.99
C ILE A 125 -16.49 -17.54 -36.30
N ASN A 126 -15.77 -16.87 -37.21
CA ASN A 126 -15.41 -17.42 -38.53
C ASN A 126 -14.48 -18.64 -38.45
N ALA A 127 -13.59 -18.65 -37.48
CA ALA A 127 -12.64 -19.74 -37.33
C ALA A 127 -13.21 -20.85 -36.49
N ARG A 128 -14.42 -20.65 -35.95
CA ARG A 128 -15.07 -21.62 -35.07
C ARG A 128 -14.16 -22.06 -33.93
N THR A 129 -13.57 -21.08 -33.23
CA THR A 129 -12.69 -21.34 -32.07
C THR A 129 -13.43 -21.90 -30.86
N GLU A 130 -12.67 -22.34 -29.87
CA GLU A 130 -13.29 -22.86 -28.66
C GLU A 130 -14.16 -21.83 -27.91
N LEU A 131 -13.81 -20.55 -28.02
CA LEU A 131 -14.55 -19.52 -27.32
C LEU A 131 -15.84 -19.27 -28.04
N ALA A 132 -15.79 -19.31 -29.37
CA ALA A 132 -16.96 -19.04 -30.16
C ALA A 132 -17.97 -20.16 -29.96
N VAL A 133 -17.47 -21.36 -29.72
CA VAL A 133 -18.33 -22.50 -29.53
C VAL A 133 -18.94 -22.43 -28.15
N ARG A 134 -18.14 -22.05 -27.16
CA ARG A 134 -18.60 -21.91 -25.78
C ARG A 134 -19.72 -20.87 -25.63
N TYR A 135 -19.61 -19.78 -26.36
CA TYR A 135 -20.53 -18.67 -26.24
C TYR A 135 -21.47 -18.48 -27.43
N ASN A 136 -21.58 -19.50 -28.28
CA ASN A 136 -22.60 -19.49 -29.32
C ASN A 136 -22.61 -18.22 -30.19
N ASP A 137 -21.42 -17.68 -30.46
CA ASP A 137 -21.25 -16.49 -31.32
C ASP A 137 -21.82 -15.20 -30.75
N ILE A 138 -22.09 -15.17 -29.44
CA ILE A 138 -22.62 -13.98 -28.77
C ILE A 138 -21.51 -13.32 -27.94
N SER A 139 -21.01 -12.20 -28.43
CA SER A 139 -19.91 -11.43 -27.82
C SER A 139 -18.87 -12.27 -27.08
N PRO A 140 -18.32 -13.30 -27.75
CA PRO A 140 -17.59 -14.34 -27.04
C PRO A 140 -16.42 -13.84 -26.22
N LEU A 141 -15.66 -12.88 -26.75
CA LEU A 141 -14.54 -12.32 -25.99
C LEU A 141 -14.98 -11.64 -24.70
N GLU A 142 -15.96 -10.75 -24.84
CA GLU A 142 -16.46 -9.98 -23.72
C GLU A 142 -17.03 -10.89 -22.64
N ASN A 143 -17.80 -11.90 -23.04
CA ASN A 143 -18.29 -12.93 -22.11
C ASN A 143 -17.14 -13.61 -21.38
N HIS A 144 -16.06 -13.89 -22.13
CA HIS A 144 -14.88 -14.53 -21.57
C HIS A 144 -14.15 -13.62 -20.60
N HIS A 145 -14.02 -12.34 -20.95
CA HIS A 145 -13.36 -11.39 -20.05
C HIS A 145 -14.03 -11.41 -18.68
N CYS A 146 -15.36 -11.42 -18.70
CA CYS A 146 -16.20 -11.47 -17.51
C CYS A 146 -15.98 -12.69 -16.65
N ALA A 147 -16.12 -13.85 -17.29
CA ALA A 147 -15.95 -15.10 -16.61
C ALA A 147 -14.60 -15.11 -15.90
N VAL A 148 -13.56 -14.60 -16.55
CA VAL A 148 -12.25 -14.62 -15.92
C VAL A 148 -12.27 -13.69 -14.71
N ALA A 149 -12.79 -12.49 -14.92
CA ALA A 149 -13.04 -11.52 -13.85
C ALA A 149 -13.63 -12.19 -12.61
N PHE A 150 -14.68 -12.99 -12.79
CA PHE A 150 -15.32 -13.58 -11.63
C PHE A 150 -14.66 -14.86 -11.15
N GLN A 151 -13.91 -15.51 -12.02
CA GLN A 151 -13.08 -16.61 -11.57
C GLN A 151 -11.99 -16.08 -10.65
N ILE A 152 -11.48 -14.89 -10.95
CA ILE A 152 -10.47 -14.27 -10.11
C ILE A 152 -11.02 -13.93 -8.72
N LEU A 153 -12.22 -13.34 -8.68
CA LEU A 153 -12.83 -12.91 -7.42
C LEU A 153 -13.34 -14.09 -6.60
N ALA A 154 -13.48 -15.25 -7.24
CA ALA A 154 -13.95 -16.44 -6.54
C ALA A 154 -12.83 -17.00 -5.65
N GLU A 155 -11.60 -16.57 -5.91
CA GLU A 155 -10.48 -16.93 -5.05
C GLU A 155 -10.52 -16.03 -3.80
N PRO A 156 -10.59 -16.65 -2.60
CA PRO A 156 -10.78 -15.89 -1.34
C PRO A 156 -9.72 -14.82 -1.07
N GLU A 157 -8.47 -15.10 -1.43
CA GLU A 157 -7.40 -14.14 -1.19
C GLU A 157 -7.43 -12.97 -2.17
N CYS A 158 -8.19 -13.12 -3.27
CA CYS A 158 -8.32 -12.07 -4.29
C CYS A 158 -9.65 -11.36 -4.23
N ASN A 159 -10.53 -11.84 -3.37
CA ASN A 159 -11.89 -11.36 -3.34
C ASN A 159 -12.06 -10.02 -2.66
N ILE A 160 -11.96 -8.94 -3.45
CA ILE A 160 -12.11 -7.60 -2.92
C ILE A 160 -13.52 -7.27 -2.49
N PHE A 161 -14.44 -8.22 -2.63
CA PHE A 161 -15.83 -8.00 -2.27
C PHE A 161 -16.23 -8.84 -1.05
N SER A 162 -15.25 -9.36 -0.34
CA SER A 162 -15.47 -10.25 0.82
C SER A 162 -16.40 -9.69 1.86
N ASN A 163 -16.33 -8.39 2.10
CA ASN A 163 -17.11 -7.78 3.16
C ASN A 163 -18.27 -6.97 2.64
N ILE A 164 -18.71 -7.31 1.44
CA ILE A 164 -19.93 -6.75 0.88
C ILE A 164 -21.08 -7.75 1.04
N PRO A 165 -22.21 -7.31 1.63
CA PRO A 165 -23.39 -8.18 1.76
C PRO A 165 -23.90 -8.67 0.39
N PRO A 166 -24.47 -9.90 0.33
CA PRO A 166 -24.88 -10.59 -0.92
C PRO A 166 -25.71 -9.77 -1.92
N ASP A 167 -26.69 -9.02 -1.43
CA ASP A 167 -27.44 -8.06 -2.26
C ASP A 167 -26.53 -7.10 -3.00
N GLY A 168 -25.52 -6.59 -2.29
CA GLY A 168 -24.54 -5.68 -2.86
C GLY A 168 -23.74 -6.38 -3.93
N PHE A 169 -23.29 -7.60 -3.61
CA PHE A 169 -22.55 -8.40 -4.56
C PHE A 169 -23.37 -8.59 -5.83
N LYS A 170 -24.61 -9.04 -5.71
CA LYS A 170 -25.48 -9.27 -6.87
C LYS A 170 -25.58 -8.04 -7.73
N GLN A 171 -25.74 -6.90 -7.08
CA GLN A 171 -25.89 -5.63 -7.75
C GLN A 171 -24.59 -5.23 -8.50
N ILE A 172 -23.44 -5.35 -7.83
CA ILE A 172 -22.13 -5.09 -8.43
C ILE A 172 -21.86 -6.02 -9.62
N ARG A 173 -22.05 -7.32 -9.40
CA ARG A 173 -21.90 -8.35 -10.40
C ARG A 173 -22.72 -8.06 -11.66
N GLN A 174 -23.98 -7.68 -11.47
CA GLN A 174 -24.87 -7.32 -12.58
C GLN A 174 -24.35 -6.10 -13.33
N GLY A 175 -23.92 -5.08 -12.59
CA GLY A 175 -23.40 -3.87 -13.20
C GLY A 175 -22.18 -4.18 -14.03
N MET A 176 -21.23 -4.87 -13.43
CA MET A 176 -20.00 -5.22 -14.12
C MET A 176 -20.25 -6.01 -15.41
N ILE A 177 -21.14 -6.99 -15.35
CA ILE A 177 -21.47 -7.78 -16.53
C ILE A 177 -21.99 -6.87 -17.65
N THR A 178 -22.97 -6.03 -17.33
CA THR A 178 -23.53 -5.10 -18.32
C THR A 178 -22.42 -4.26 -18.95
N LEU A 179 -21.52 -3.72 -18.13
CA LEU A 179 -20.54 -2.81 -18.68
C LEU A 179 -19.52 -3.53 -19.55
N ILE A 180 -18.93 -4.60 -19.04
CA ILE A 180 -17.94 -5.30 -19.83
C ILE A 180 -18.53 -5.69 -21.20
N LEU A 181 -19.74 -6.26 -21.22
CA LEU A 181 -20.41 -6.63 -22.46
C LEU A 181 -20.65 -5.45 -23.42
N ALA A 182 -20.78 -4.26 -22.89
CA ALA A 182 -21.04 -3.08 -23.71
C ALA A 182 -19.79 -2.63 -24.45
N THR A 183 -18.64 -3.20 -24.10
CA THR A 183 -17.37 -2.86 -24.79
C THR A 183 -17.20 -3.50 -26.18
N ASP A 184 -18.03 -4.48 -26.53
CA ASP A 184 -18.04 -5.07 -27.87
C ASP A 184 -18.48 -4.05 -28.89
N MET A 185 -17.54 -3.62 -29.72
CA MET A 185 -17.82 -2.61 -30.75
C MET A 185 -18.91 -2.97 -31.76
N ALA A 186 -19.27 -4.25 -31.88
CA ALA A 186 -20.38 -4.63 -32.77
C ALA A 186 -21.68 -3.96 -32.35
N ARG A 187 -21.77 -3.63 -31.06
CA ARG A 187 -22.98 -3.08 -30.47
C ARG A 187 -22.98 -1.55 -30.43
N HIS A 188 -21.87 -0.96 -30.83
CA HIS A 188 -21.70 0.48 -30.75
C HIS A 188 -22.91 1.31 -31.21
N ALA A 189 -23.40 1.06 -32.43
CA ALA A 189 -24.46 1.89 -33.00
C ALA A 189 -25.78 1.67 -32.26
N GLU A 190 -26.09 0.42 -31.92
CA GLU A 190 -27.22 0.05 -31.04
C GLU A 190 -27.22 0.90 -29.74
N ILE A 191 -26.09 0.92 -29.04
CA ILE A 191 -25.97 1.61 -27.79
C ILE A 191 -26.08 3.13 -27.99
N MET A 192 -25.45 3.63 -29.04
CA MET A 192 -25.49 5.07 -29.29
C MET A 192 -26.92 5.55 -29.46
N ASP A 193 -27.68 4.84 -30.30
CA ASP A 193 -29.08 5.12 -30.51
C ASP A 193 -29.90 5.14 -29.21
N SER A 194 -29.78 4.08 -28.41
CA SER A 194 -30.48 3.98 -27.12
C SER A 194 -30.19 5.19 -26.26
N PHE A 195 -28.92 5.54 -26.16
CA PHE A 195 -28.49 6.67 -25.36
C PHE A 195 -29.04 7.98 -25.92
N LYS A 196 -28.97 8.15 -27.24
CA LYS A 196 -29.45 9.37 -27.88
C LYS A 196 -30.96 9.58 -27.66
N GLU A 197 -31.71 8.47 -27.70
CA GLU A 197 -33.13 8.45 -27.42
C GLU A 197 -33.41 8.94 -25.99
N LYS A 198 -32.75 8.33 -25.02
CA LYS A 198 -32.78 8.78 -23.63
C LYS A 198 -32.31 10.22 -23.48
N MET A 199 -31.41 10.65 -24.36
CA MET A 199 -30.78 11.96 -24.25
C MET A 199 -31.75 13.12 -24.46
N GLU A 200 -32.77 12.89 -25.30
CA GLU A 200 -33.82 13.86 -25.56
C GLU A 200 -34.41 14.45 -24.29
N ASN A 201 -34.60 13.59 -23.29
CA ASN A 201 -35.10 13.99 -21.97
C ASN A 201 -34.44 13.20 -20.83
N PHE A 202 -33.17 13.50 -20.56
CA PHE A 202 -32.38 12.64 -19.65
C PHE A 202 -32.69 12.81 -18.17
N ASP A 203 -32.89 11.69 -17.50
CA ASP A 203 -33.33 11.64 -16.11
C ASP A 203 -32.29 10.97 -15.19
N TYR A 204 -31.56 11.76 -14.40
CA TYR A 204 -30.51 11.23 -13.52
C TYR A 204 -30.95 10.21 -12.48
N SER A 205 -32.25 10.04 -12.28
CA SER A 205 -32.72 9.03 -11.32
C SER A 205 -33.49 7.90 -11.96
N ASN A 206 -33.52 7.87 -13.30
CA ASN A 206 -34.01 6.73 -14.01
C ASN A 206 -32.87 5.70 -14.13
N GLU A 207 -33.10 4.46 -13.67
CA GLU A 207 -32.09 3.39 -13.74
C GLU A 207 -31.64 3.04 -15.15
N GLU A 208 -32.60 2.89 -16.08
CA GLU A 208 -32.29 2.66 -17.50
C GLU A 208 -31.42 3.76 -18.07
N HIS A 209 -31.70 5.00 -17.67
CA HIS A 209 -30.93 6.15 -18.11
C HIS A 209 -29.51 6.10 -17.58
N MET A 210 -29.35 5.67 -16.34
CA MET A 210 -28.02 5.63 -15.75
C MET A 210 -27.20 4.45 -16.25
N THR A 211 -27.84 3.29 -16.39
CA THR A 211 -27.19 2.12 -16.96
C THR A 211 -26.56 2.47 -18.30
N LEU A 212 -27.27 3.24 -19.12
CA LEU A 212 -26.77 3.61 -20.43
C LEU A 212 -25.65 4.62 -20.35
N LEU A 213 -25.76 5.57 -19.43
CA LEU A 213 -24.68 6.53 -19.24
C LEU A 213 -23.40 5.80 -18.85
N LYS A 214 -23.50 4.82 -17.97
CA LYS A 214 -22.35 4.05 -17.54
C LYS A 214 -21.71 3.25 -18.70
N MET A 215 -22.56 2.65 -19.52
CA MET A 215 -22.14 2.01 -20.76
C MET A 215 -21.38 2.97 -21.67
N ILE A 216 -21.89 4.18 -21.83
CA ILE A 216 -21.22 5.16 -22.66
C ILE A 216 -19.89 5.54 -22.03
N LEU A 217 -19.86 5.63 -20.71
CA LEU A 217 -18.63 6.03 -20.03
C LEU A 217 -17.52 5.02 -20.20
N ILE A 218 -17.83 3.74 -19.98
CA ILE A 218 -16.81 2.71 -20.17
C ILE A 218 -16.37 2.67 -21.63
N LYS A 219 -17.31 2.85 -22.54
CA LYS A 219 -17.00 2.83 -23.96
C LYS A 219 -16.08 3.97 -24.31
N CYS A 220 -16.31 5.14 -23.70
CA CYS A 220 -15.47 6.30 -23.91
C CYS A 220 -14.06 6.03 -23.43
N CYS A 221 -13.93 5.44 -22.25
CA CYS A 221 -12.62 5.20 -21.69
C CYS A 221 -11.86 4.16 -22.50
N ASP A 222 -12.61 3.22 -23.06
CA ASP A 222 -12.08 2.10 -23.81
C ASP A 222 -11.27 2.56 -25.02
N ILE A 223 -11.78 3.57 -25.73
CA ILE A 223 -11.16 4.05 -26.96
C ILE A 223 -10.59 5.45 -26.76
N SER A 224 -10.38 5.81 -25.51
CA SER A 224 -9.97 7.16 -25.14
C SER A 224 -8.49 7.46 -25.36
N ASN A 225 -7.66 6.43 -25.56
CA ASN A 225 -6.25 6.66 -25.81
C ASN A 225 -6.04 7.69 -26.92
N ALA A 226 -7.02 7.81 -27.81
CA ALA A 226 -6.96 8.76 -28.90
C ALA A 226 -7.12 10.22 -28.46
N VAL A 227 -7.52 10.42 -27.22
CA VAL A 227 -7.80 11.75 -26.67
C VAL A 227 -6.58 12.38 -25.99
N ARG A 228 -5.62 11.54 -25.64
CA ARG A 228 -4.39 11.96 -24.98
C ARG A 228 -3.49 12.73 -25.95
N PRO A 229 -2.43 13.39 -25.45
CA PRO A 229 -1.51 14.13 -26.33
C PRO A 229 -0.84 13.20 -27.34
N MET A 230 -0.54 13.74 -28.53
CA MET A 230 0.02 12.98 -29.65
C MET A 230 1.13 12.00 -29.27
N GLU A 231 2.10 12.53 -28.52
CA GLU A 231 3.20 11.77 -27.95
C GLU A 231 2.75 10.46 -27.27
N VAL A 232 1.58 10.50 -26.62
CA VAL A 232 1.02 9.33 -25.93
C VAL A 232 0.04 8.55 -26.82
N ALA A 233 -0.80 9.27 -27.56
CA ALA A 233 -1.78 8.65 -28.43
C ALA A 233 -1.20 7.74 -29.52
N GLU A 234 -0.32 8.29 -30.37
CA GLU A 234 0.14 7.58 -31.59
C GLU A 234 0.69 6.15 -31.44
N PRO A 235 1.58 5.90 -30.46
CA PRO A 235 2.08 4.53 -30.31
C PRO A 235 0.96 3.48 -30.17
N TRP A 236 -0.16 3.88 -29.56
CA TRP A 236 -1.28 2.96 -29.38
C TRP A 236 -1.84 2.51 -30.74
N VAL A 237 -1.89 3.43 -31.68
CA VAL A 237 -2.40 3.16 -33.01
C VAL A 237 -1.52 2.12 -33.71
N ASP A 238 -0.20 2.24 -33.55
CA ASP A 238 0.73 1.28 -34.15
C ASP A 238 0.51 -0.10 -33.53
N CYS A 239 0.29 -0.13 -32.21
CA CYS A 239 0.07 -1.39 -31.50
C CYS A 239 -1.21 -2.07 -31.96
N LEU A 240 -2.27 -1.29 -32.12
CA LEU A 240 -3.54 -1.87 -32.54
C LEU A 240 -3.40 -2.47 -33.94
N LEU A 241 -2.86 -1.68 -34.87
CA LEU A 241 -2.60 -2.13 -36.24
C LEU A 241 -1.72 -3.39 -36.32
N GLU A 242 -0.72 -3.49 -35.45
CA GLU A 242 0.05 -4.72 -35.33
C GLU A 242 -0.88 -5.91 -35.08
N GLU A 243 -1.78 -5.81 -34.08
CA GLU A 243 -2.77 -6.87 -33.80
C GLU A 243 -3.68 -7.17 -34.98
N TYR A 244 -4.21 -6.12 -35.59
CA TYR A 244 -5.06 -6.27 -36.76
C TYR A 244 -4.34 -7.00 -37.88
N PHE A 245 -3.11 -6.60 -38.16
CA PHE A 245 -2.33 -7.18 -39.25
C PHE A 245 -2.04 -8.66 -38.97
N MET A 246 -1.65 -8.96 -37.73
CA MET A 246 -1.46 -10.34 -37.31
C MET A 246 -2.68 -11.22 -37.64
N GLN A 247 -3.87 -10.68 -37.38
CA GLN A 247 -5.13 -11.37 -37.61
C GLN A 247 -5.44 -11.55 -39.11
N SER A 248 -5.42 -10.45 -39.85
CA SER A 248 -5.74 -10.49 -41.27
C SER A 248 -4.78 -11.38 -42.05
N ASP A 249 -3.51 -11.41 -41.62
CA ASP A 249 -2.52 -12.36 -42.14
C ASP A 249 -2.98 -13.79 -41.95
N ARG A 250 -3.38 -14.11 -40.72
CA ARG A 250 -3.89 -15.43 -40.38
C ARG A 250 -5.16 -15.78 -41.19
N GLU A 251 -6.08 -14.81 -41.29
CA GLU A 251 -7.33 -15.00 -42.02
C GLU A 251 -7.10 -15.26 -43.53
N LYS A 252 -6.14 -14.55 -44.13
CA LYS A 252 -5.72 -14.79 -45.52
C LYS A 252 -5.14 -16.20 -45.65
N SER A 253 -4.30 -16.54 -44.67
CA SER A 253 -3.57 -17.80 -44.64
C SER A 253 -4.43 -19.02 -44.32
N GLU A 254 -5.66 -18.80 -43.85
CA GLU A 254 -6.53 -19.92 -43.46
C GLU A 254 -7.80 -19.92 -44.31
N GLY A 255 -7.87 -19.02 -45.27
CA GLY A 255 -9.02 -18.92 -46.15
C GLY A 255 -10.27 -18.33 -45.50
N LEU A 256 -10.08 -17.60 -44.40
CA LEU A 256 -11.20 -16.94 -43.74
C LEU A 256 -11.48 -15.55 -44.31
N PRO A 257 -12.70 -15.03 -44.14
CA PRO A 257 -12.95 -13.65 -44.60
C PRO A 257 -12.03 -12.60 -43.91
N VAL A 258 -11.71 -11.55 -44.64
CA VAL A 258 -10.85 -10.48 -44.14
C VAL A 258 -11.63 -9.18 -44.20
N ALA A 259 -11.65 -8.46 -43.09
CA ALA A 259 -12.30 -7.16 -43.06
C ALA A 259 -11.38 -6.12 -43.73
N PRO A 260 -11.94 -5.32 -44.68
CA PRO A 260 -11.17 -4.26 -45.33
C PRO A 260 -10.35 -3.45 -44.33
N PHE A 261 -10.99 -3.04 -43.23
CA PHE A 261 -10.37 -2.14 -42.25
C PHE A 261 -9.23 -2.78 -41.48
N MET A 262 -9.03 -4.09 -41.65
CA MET A 262 -7.91 -4.79 -41.01
C MET A 262 -6.83 -5.20 -42.00
N ASP A 263 -7.02 -4.84 -43.28
CA ASP A 263 -6.19 -5.30 -44.39
C ASP A 263 -4.86 -4.56 -44.58
N ARG A 264 -3.78 -5.31 -44.36
CA ARG A 264 -2.42 -4.86 -44.63
C ARG A 264 -2.28 -4.03 -45.92
N ASP A 265 -2.98 -4.46 -46.97
CA ASP A 265 -2.90 -3.82 -48.28
C ASP A 265 -3.81 -2.60 -48.44
N LYS A 266 -4.99 -2.64 -47.81
CA LYS A 266 -6.00 -1.58 -47.98
C LYS A 266 -5.93 -0.42 -46.97
N VAL A 267 -5.15 -0.58 -45.90
CA VAL A 267 -5.21 0.35 -44.77
C VAL A 267 -3.97 1.18 -44.61
N THR A 268 -4.16 2.49 -44.46
CA THR A 268 -3.07 3.37 -44.01
C THR A 268 -3.44 3.88 -42.61
N LYS A 269 -2.42 4.08 -41.78
CA LYS A 269 -2.60 4.64 -40.45
C LYS A 269 -3.43 5.94 -40.45
N ALA A 270 -3.04 6.90 -41.25
CA ALA A 270 -3.73 8.18 -41.33
C ALA A 270 -5.21 8.04 -41.69
N THR A 271 -5.52 7.21 -42.69
CA THR A 271 -6.90 7.10 -43.17
C THR A 271 -7.78 6.37 -42.17
N ALA A 272 -7.19 5.42 -41.45
CA ALA A 272 -7.88 4.72 -40.38
C ALA A 272 -8.29 5.67 -39.25
N GLN A 273 -7.35 6.50 -38.78
CA GLN A 273 -7.60 7.44 -37.71
C GLN A 273 -8.64 8.50 -38.06
N ILE A 274 -8.52 9.12 -39.23
CA ILE A 274 -9.45 10.14 -39.66
C ILE A 274 -10.87 9.60 -39.58
N GLY A 275 -11.05 8.38 -40.08
CA GLY A 275 -12.35 7.75 -40.15
C GLY A 275 -12.89 7.47 -38.77
N PHE A 276 -12.03 6.90 -37.93
CA PHE A 276 -12.42 6.56 -36.58
C PHE A 276 -12.77 7.80 -35.77
N ILE A 277 -11.93 8.84 -35.87
CA ILE A 277 -12.15 10.07 -35.13
C ILE A 277 -13.43 10.74 -35.57
N LYS A 278 -13.69 10.75 -36.88
CA LYS A 278 -14.80 11.51 -37.43
C LYS A 278 -16.12 10.82 -37.21
N PHE A 279 -16.18 9.51 -37.42
CA PHE A 279 -17.48 8.84 -37.42
C PHE A 279 -17.78 8.01 -36.17
N VAL A 280 -16.78 7.79 -35.32
CA VAL A 280 -17.00 7.10 -34.05
C VAL A 280 -16.78 8.04 -32.87
N LEU A 281 -15.55 8.52 -32.72
CA LEU A 281 -15.16 9.26 -31.51
C LEU A 281 -15.85 10.60 -31.31
N ILE A 282 -15.83 11.47 -32.31
CA ILE A 282 -16.38 12.81 -32.14
C ILE A 282 -17.89 12.78 -31.88
N PRO A 283 -18.66 12.02 -32.67
CA PRO A 283 -20.10 11.97 -32.43
C PRO A 283 -20.43 11.46 -31.02
N MET A 284 -19.71 10.44 -30.57
CA MET A 284 -19.92 9.91 -29.24
C MET A 284 -19.66 10.98 -28.17
N PHE A 285 -18.53 11.65 -28.24
CA PHE A 285 -18.18 12.67 -27.26
C PHE A 285 -19.09 13.91 -27.37
N GLU A 286 -19.53 14.22 -28.59
CA GLU A 286 -20.42 15.35 -28.81
C GLU A 286 -21.72 15.20 -28.05
N THR A 287 -22.27 14.00 -28.06
CA THR A 287 -23.51 13.75 -27.36
C THR A 287 -23.29 13.69 -25.83
N VAL A 288 -22.09 13.33 -25.39
CA VAL A 288 -21.79 13.29 -23.95
C VAL A 288 -21.65 14.69 -23.40
N THR A 289 -21.29 15.62 -24.28
CA THR A 289 -21.00 16.99 -23.88
C THR A 289 -22.29 17.72 -23.47
N LYS A 290 -23.40 17.24 -24.01
CA LYS A 290 -24.70 17.75 -23.65
C LYS A 290 -25.07 17.50 -22.18
N LEU A 291 -24.50 16.46 -21.58
CA LEU A 291 -24.65 16.26 -20.14
C LEU A 291 -23.51 16.87 -19.34
N PHE A 292 -22.30 16.84 -19.90
CA PHE A 292 -21.11 17.34 -19.20
C PHE A 292 -20.38 18.30 -20.12
N PRO A 293 -20.63 19.60 -19.95
CA PRO A 293 -20.11 20.64 -20.85
C PRO A 293 -18.58 20.76 -20.86
N MET A 294 -17.94 20.40 -19.75
CA MET A 294 -16.48 20.49 -19.63
C MET A 294 -15.75 19.48 -20.52
N VAL A 295 -16.45 18.45 -20.97
CA VAL A 295 -15.90 17.43 -21.85
C VAL A 295 -15.42 17.99 -23.19
N GLU A 296 -16.12 19.00 -23.70
CA GLU A 296 -15.74 19.66 -24.96
C GLU A 296 -14.30 20.13 -24.96
N GLU A 297 -13.95 20.89 -23.93
CA GLU A 297 -12.67 21.55 -23.90
C GLU A 297 -11.52 20.59 -23.59
N ILE A 298 -11.81 19.44 -23.01
CA ILE A 298 -10.69 18.57 -22.65
C ILE A 298 -10.63 17.23 -23.39
N MET A 299 -11.73 16.81 -24.01
CA MET A 299 -11.70 15.65 -24.88
C MET A 299 -11.87 16.06 -26.31
N LEU A 300 -12.92 16.82 -26.57
CA LEU A 300 -13.34 17.09 -27.93
C LEU A 300 -12.27 17.93 -28.65
N GLN A 301 -11.67 18.87 -27.93
CA GLN A 301 -10.64 19.73 -28.51
C GLN A 301 -9.45 18.90 -29.00
N PRO A 302 -8.80 18.12 -28.11
CA PRO A 302 -7.70 17.25 -28.55
C PRO A 302 -8.10 16.38 -29.75
N LEU A 303 -9.33 15.90 -29.74
CA LEU A 303 -9.84 15.13 -30.87
C LEU A 303 -9.85 15.92 -32.19
N TRP A 304 -10.25 17.18 -32.14
CA TRP A 304 -10.22 18.02 -33.35
C TRP A 304 -8.81 18.23 -33.86
N GLU A 305 -7.88 18.48 -32.94
CA GLU A 305 -6.47 18.65 -33.24
C GLU A 305 -5.89 17.38 -33.86
N SER A 306 -6.19 16.25 -33.25
CA SER A 306 -5.80 14.96 -33.79
C SER A 306 -6.27 14.83 -35.23
N ARG A 307 -7.57 15.03 -35.46
CA ARG A 307 -8.18 14.85 -36.77
C ARG A 307 -7.47 15.68 -37.83
N ASP A 308 -6.99 16.85 -37.43
CA ASP A 308 -6.30 17.74 -38.34
C ASP A 308 -4.89 17.26 -38.62
N ARG A 309 -4.20 16.81 -37.58
CA ARG A 309 -2.86 16.26 -37.69
C ARG A 309 -2.83 15.09 -38.65
N TYR A 310 -3.73 14.13 -38.45
CA TYR A 310 -3.78 12.97 -39.32
C TYR A 310 -4.16 13.30 -40.76
N GLU A 311 -4.95 14.36 -40.95
CA GLU A 311 -5.27 14.82 -42.31
C GLU A 311 -4.03 15.31 -43.07
N GLU A 312 -3.13 15.96 -42.34
CA GLU A 312 -1.81 16.35 -42.87
C GLU A 312 -0.95 15.15 -43.24
N LEU A 313 -0.76 14.25 -42.27
CA LEU A 313 0.00 13.02 -42.51
C LEU A 313 -0.52 12.28 -43.73
N LYS A 314 -1.83 12.26 -43.93
CA LYS A 314 -2.42 11.58 -45.07
C LYS A 314 -1.91 12.16 -46.40
N ARG A 315 -1.87 13.49 -46.48
CA ARG A 315 -1.37 14.15 -47.67
C ARG A 315 0.08 13.75 -47.97
N ILE A 316 0.88 13.66 -46.92
CA ILE A 316 2.27 13.25 -47.05
C ILE A 316 2.41 11.74 -47.36
N ASP A 317 1.62 10.90 -46.69
CA ASP A 317 1.53 9.46 -47.01
C ASP A 317 1.13 9.16 -48.45
N ASP A 318 0.12 9.89 -48.94
CA ASP A 318 -0.35 9.70 -50.31
C ASP A 318 0.74 9.98 -51.34
N ALA A 319 1.48 11.07 -51.10
CA ALA A 319 2.60 11.46 -51.94
C ALA A 319 3.69 10.39 -52.01
N MET A 320 3.96 9.76 -50.87
CA MET A 320 4.94 8.68 -50.82
C MET A 320 4.53 7.51 -51.70
N LYS A 321 3.25 7.12 -51.66
CA LYS A 321 2.76 6.00 -52.46
C LYS A 321 2.67 6.34 -53.94
N GLU A 322 2.68 7.64 -54.23
CA GLU A 322 2.68 8.16 -55.59
C GLU A 322 4.07 8.01 -56.22
N LEU A 323 5.04 7.62 -55.41
CA LEU A 323 6.42 7.41 -55.84
C LEU A 323 6.76 5.94 -55.99
N GLN A 324 6.07 5.09 -55.22
CA GLN A 324 6.20 3.65 -55.36
C GLN A 324 5.08 3.18 -56.28
N LYS A 325 4.63 1.94 -56.04
CA LYS A 325 3.48 1.36 -56.74
C LYS A 325 3.72 1.14 -58.24
N LYS A 326 4.85 1.67 -58.73
CA LYS A 326 5.24 1.59 -60.16
C LYS A 326 4.22 2.22 -61.15
N PRO B 1 1.74 -18.46 -9.82
CA PRO B 1 1.13 -19.35 -8.82
C PRO B 1 0.86 -18.65 -7.47
N THR B 2 1.93 -18.22 -6.79
CA THR B 2 1.82 -17.44 -5.54
C THR B 2 2.36 -16.00 -5.69
N TYR B 3 2.34 -15.23 -4.59
CA TYR B 3 2.53 -13.78 -4.63
C TYR B 3 3.89 -13.32 -4.10
N PRO B 4 4.36 -12.11 -4.52
CA PRO B 4 5.61 -11.53 -3.98
C PRO B 4 5.69 -11.49 -2.45
N LYS B 5 6.90 -11.27 -1.94
CA LYS B 5 7.13 -11.28 -0.50
C LYS B 5 6.39 -10.16 0.25
N TYR B 6 6.31 -8.98 -0.37
CA TYR B 6 5.69 -7.81 0.28
C TYR B 6 4.16 -7.78 0.34
N LEU B 7 3.53 -8.83 -0.19
CA LEU B 7 2.11 -9.04 0.02
C LEU B 7 1.95 -10.13 1.06
N LEU B 8 1.40 -9.76 2.21
CA LEU B 8 1.36 -10.65 3.35
C LEU B 8 0.26 -11.71 3.25
N SER B 9 0.65 -12.97 3.29
CA SER B 9 -0.31 -14.07 3.31
C SER B 9 -1.20 -13.98 4.55
N PRO B 10 -2.41 -14.54 4.48
CA PRO B 10 -3.31 -14.48 5.63
C PRO B 10 -2.79 -15.15 6.92
N GLU B 11 -1.85 -16.09 6.79
CA GLU B 11 -1.20 -16.69 7.96
C GLU B 11 -0.39 -15.66 8.72
N THR B 12 0.34 -14.84 7.98
CA THR B 12 1.20 -13.82 8.54
C THR B 12 0.36 -12.76 9.27
N ILE B 13 -0.67 -12.25 8.59
CA ILE B 13 -1.62 -11.29 9.17
C ILE B 13 -2.15 -11.77 10.53
N GLU B 14 -2.40 -13.06 10.62
CA GLU B 14 -2.87 -13.69 11.84
C GLU B 14 -1.81 -13.68 12.96
N ALA B 15 -0.58 -14.08 12.63
CA ALA B 15 0.50 -14.25 13.60
C ALA B 15 1.04 -12.92 14.13
N LEU B 16 0.81 -11.87 13.36
CA LEU B 16 1.31 -10.53 13.63
C LEU B 16 0.74 -9.98 14.93
N ARG B 17 -0.45 -10.44 15.29
CA ARG B 17 -1.18 -9.98 16.47
C ARG B 17 -0.69 -10.63 17.76
N LYS B 18 0.26 -11.55 17.66
CA LYS B 18 0.68 -12.36 18.80
C LYS B 18 2.18 -12.18 19.10
N PRO B 19 2.55 -12.14 20.40
CA PRO B 19 3.93 -11.96 20.85
C PRO B 19 4.90 -13.09 20.46
N THR B 20 4.37 -14.17 19.89
CA THR B 20 5.21 -15.31 19.52
C THR B 20 5.79 -15.16 18.10
N PHE B 21 5.28 -14.18 17.37
CA PHE B 21 5.71 -13.84 16.02
C PHE B 21 7.24 -13.83 15.89
N ASP B 22 7.79 -14.55 14.91
CA ASP B 22 9.23 -14.65 14.75
C ASP B 22 9.76 -13.49 13.92
N VAL B 23 10.43 -12.56 14.60
CA VAL B 23 10.93 -11.35 13.97
C VAL B 23 12.14 -11.59 13.07
N TRP B 24 12.82 -12.71 13.25
CA TRP B 24 14.04 -12.99 12.49
C TRP B 24 13.81 -13.47 11.06
N LEU B 25 12.58 -13.91 10.75
CA LEU B 25 12.26 -14.47 9.43
C LEU B 25 12.20 -13.45 8.30
N TRP B 26 12.15 -12.16 8.63
CA TRP B 26 11.71 -11.16 7.66
C TRP B 26 12.80 -10.22 7.18
N GLU B 27 12.60 -9.66 5.99
CA GLU B 27 13.55 -8.75 5.38
C GLU B 27 12.95 -7.35 5.38
N PRO B 28 13.82 -6.32 5.37
CA PRO B 28 13.42 -4.92 5.50
C PRO B 28 12.07 -4.57 4.88
N ASN B 29 11.88 -4.88 3.61
CA ASN B 29 10.62 -4.58 2.92
C ASN B 29 9.42 -5.38 3.45
N GLU B 30 9.64 -6.65 3.81
CA GLU B 30 8.57 -7.45 4.45
C GLU B 30 8.10 -6.77 5.74
N MET B 31 9.07 -6.34 6.55
CA MET B 31 8.79 -5.68 7.83
C MET B 31 8.03 -4.39 7.63
N LEU B 32 8.38 -3.66 6.58
CA LEU B 32 7.67 -2.44 6.20
C LEU B 32 6.23 -2.68 5.80
N SER B 33 5.94 -3.83 5.19
CA SER B 33 4.58 -4.18 4.82
C SER B 33 3.75 -4.44 6.06
N CYS B 34 4.34 -5.18 7.01
CA CYS B 34 3.71 -5.42 8.31
C CYS B 34 3.35 -4.15 9.07
N LEU B 35 4.32 -3.26 9.23
CA LEU B 35 4.05 -1.99 9.88
C LEU B 35 2.92 -1.28 9.16
N GLU B 36 3.02 -1.23 7.83
CA GLU B 36 1.96 -0.63 7.04
C GLU B 36 0.62 -1.26 7.37
N HIS B 37 0.58 -2.59 7.43
CA HIS B 37 -0.68 -3.27 7.67
C HIS B 37 -1.27 -2.89 9.03
N MET B 38 -0.40 -2.79 10.04
CA MET B 38 -0.81 -2.45 11.40
C MET B 38 -1.62 -1.17 11.40
N TYR B 39 -1.16 -0.17 10.64
CA TYR B 39 -1.83 1.13 10.63
C TYR B 39 -3.24 1.07 10.05
N HIS B 40 -3.39 0.31 8.97
CA HIS B 40 -4.72 0.02 8.40
C HIS B 40 -5.61 -0.78 9.35
N ASP B 41 -5.08 -1.91 9.83
CA ASP B 41 -5.77 -2.85 10.71
C ASP B 41 -6.32 -2.28 12.05
N LEU B 42 -5.61 -1.29 12.59
CA LEU B 42 -6.00 -0.58 13.79
C LEU B 42 -6.95 0.58 13.46
N GLY B 43 -7.22 0.78 12.17
CA GLY B 43 -8.12 1.81 11.73
C GLY B 43 -7.59 3.22 11.88
N LEU B 44 -6.27 3.38 11.80
CA LEU B 44 -5.67 4.69 11.98
C LEU B 44 -5.67 5.45 10.66
N VAL B 45 -5.48 4.72 9.57
CA VAL B 45 -5.59 5.30 8.25
C VAL B 45 -6.98 5.93 8.06
N ARG B 46 -8.02 5.21 8.48
CA ARG B 46 -9.40 5.70 8.41
C ARG B 46 -9.64 6.93 9.27
N ASP B 47 -9.39 6.82 10.56
CA ASP B 47 -9.83 7.85 11.50
C ASP B 47 -9.00 9.14 11.46
N PHE B 48 -7.87 9.10 10.77
CA PHE B 48 -7.01 10.26 10.72
C PHE B 48 -6.72 10.72 9.29
N SER B 49 -7.43 10.08 8.35
CA SER B 49 -7.38 10.41 6.92
C SER B 49 -5.94 10.42 6.44
N ILE B 50 -5.16 9.44 6.89
CA ILE B 50 -3.79 9.27 6.44
C ILE B 50 -3.81 8.84 4.98
N ASN B 51 -3.21 9.62 4.09
CA ASN B 51 -2.97 9.16 2.74
C ASN B 51 -2.08 7.90 2.76
N PRO B 52 -2.64 6.74 2.35
CA PRO B 52 -1.94 5.46 2.29
C PRO B 52 -0.62 5.48 1.54
N VAL B 53 -0.41 6.46 0.67
CA VAL B 53 0.86 6.56 -0.05
C VAL B 53 1.91 7.29 0.80
N THR B 54 1.50 8.39 1.41
CA THR B 54 2.32 9.12 2.33
C THR B 54 2.88 8.16 3.38
N LEU B 55 2.00 7.31 3.91
CA LEU B 55 2.34 6.32 4.94
C LEU B 55 3.48 5.42 4.52
N ARG B 56 3.43 4.95 3.28
CA ARG B 56 4.50 4.11 2.73
C ARG B 56 5.81 4.87 2.64
N ARG B 57 5.74 6.14 2.25
CA ARG B 57 6.94 6.96 2.12
C ARG B 57 7.54 7.23 3.48
N TRP B 58 6.69 7.64 4.42
CA TRP B 58 7.08 7.81 5.82
C TRP B 58 7.83 6.59 6.35
N LEU B 59 7.18 5.43 6.28
CA LEU B 59 7.78 4.18 6.72
C LEU B 59 9.15 3.93 6.09
N PHE B 60 9.28 4.22 4.80
CA PHE B 60 10.54 4.04 4.10
C PHE B 60 11.62 5.01 4.60
N CYS B 61 11.23 6.26 4.81
CA CYS B 61 12.14 7.27 5.33
C CYS B 61 12.63 6.94 6.73
N VAL B 62 11.72 6.41 7.55
CA VAL B 62 12.05 5.95 8.89
C VAL B 62 13.11 4.84 8.81
N HIS B 63 12.89 3.89 7.91
CA HIS B 63 13.87 2.81 7.71
C HIS B 63 15.27 3.34 7.34
N ASP B 64 15.33 4.34 6.48
CA ASP B 64 16.60 4.94 6.07
C ASP B 64 17.37 5.55 7.25
N ASN B 65 16.63 6.14 8.17
CA ASN B 65 17.20 6.81 9.33
C ASN B 65 17.51 5.95 10.55
N TYR B 66 17.34 4.62 10.44
CA TYR B 66 17.93 3.68 11.40
C TYR B 66 19.29 3.24 10.90
N ARG B 67 20.20 2.94 11.83
CA ARG B 67 21.60 2.71 11.47
C ARG B 67 21.97 1.24 11.58
N ASN B 68 23.11 0.87 11.01
CA ASN B 68 23.56 -0.52 11.06
C ASN B 68 24.30 -0.93 12.32
N ASN B 69 23.59 -0.80 13.44
CA ASN B 69 24.08 -1.21 14.74
C ASN B 69 23.71 -2.66 15.00
N PRO B 70 24.51 -3.35 15.84
CA PRO B 70 24.20 -4.72 16.25
C PRO B 70 22.80 -4.87 16.90
N PHE B 71 22.41 -3.95 17.78
CA PHE B 71 21.11 -4.05 18.45
C PHE B 71 20.14 -2.94 18.05
N HIS B 72 20.61 -1.70 18.15
CA HIS B 72 19.73 -0.56 17.92
C HIS B 72 19.58 -0.27 16.44
N ASN B 73 18.75 -1.10 15.81
CA ASN B 73 18.53 -1.07 14.37
C ASN B 73 17.06 -1.21 14.02
N PHE B 74 16.78 -1.19 12.71
CA PHE B 74 15.43 -1.27 12.23
C PHE B 74 14.72 -2.54 12.68
N ARG B 75 15.45 -3.65 12.80
CA ARG B 75 14.78 -4.88 13.20
C ARG B 75 14.23 -4.74 14.64
N HIS B 76 15.00 -4.06 15.48
CA HIS B 76 14.57 -3.77 16.83
C HIS B 76 13.38 -2.83 16.85
N CYS B 77 13.46 -1.78 16.03
CA CYS B 77 12.37 -0.84 15.88
C CYS B 77 11.11 -1.63 15.58
N PHE B 78 11.18 -2.43 14.51
CA PHE B 78 10.09 -3.32 14.14
C PHE B 78 9.63 -4.20 15.31
N CYS B 79 10.58 -4.80 15.99
CA CYS B 79 10.27 -5.68 17.11
C CYS B 79 9.41 -4.97 18.19
N VAL B 80 9.83 -3.78 18.59
CA VAL B 80 9.09 -2.93 19.54
C VAL B 80 7.65 -2.61 19.07
N ALA B 81 7.52 -2.14 17.84
CA ALA B 81 6.20 -1.79 17.29
C ALA B 81 5.31 -3.00 17.15
N GLN B 82 5.91 -4.15 16.84
CA GLN B 82 5.12 -5.36 16.77
C GLN B 82 4.57 -5.74 18.14
N MET B 83 5.42 -5.72 19.18
CA MET B 83 4.97 -5.96 20.54
C MET B 83 3.82 -5.04 20.97
N MET B 84 3.95 -3.76 20.62
CA MET B 84 2.93 -2.77 20.89
C MET B 84 1.62 -3.17 20.23
N TYR B 85 1.73 -3.59 18.97
CA TYR B 85 0.58 -4.04 18.21
C TYR B 85 -0.10 -5.26 18.85
N SER B 86 0.68 -6.23 19.32
CA SER B 86 0.14 -7.38 20.06
C SER B 86 -0.63 -6.98 21.31
N MET B 87 -0.08 -6.03 22.05
CA MET B 87 -0.70 -5.64 23.30
C MET B 87 -2.00 -4.90 23.08
N VAL B 88 -2.10 -4.15 21.99
CA VAL B 88 -3.37 -3.52 21.66
C VAL B 88 -4.45 -4.58 21.48
N TRP B 89 -4.11 -5.69 20.83
CA TRP B 89 -5.08 -6.79 20.70
C TRP B 89 -5.25 -7.59 21.97
N LEU B 90 -4.15 -8.07 22.54
CA LEU B 90 -4.20 -8.88 23.75
C LEU B 90 -4.96 -8.20 24.90
N CYS B 91 -4.68 -6.92 25.13
CA CYS B 91 -5.26 -6.21 26.26
C CYS B 91 -6.51 -5.39 25.90
N SER B 92 -6.94 -5.51 24.64
CA SER B 92 -8.11 -4.80 24.10
C SER B 92 -8.03 -3.30 24.37
N LEU B 93 -6.86 -2.74 24.08
CA LEU B 93 -6.57 -1.36 24.47
C LEU B 93 -7.50 -0.35 23.82
N GLN B 94 -8.11 -0.75 22.70
CA GLN B 94 -9.03 0.11 21.96
C GLN B 94 -10.34 0.34 22.71
N GLU B 95 -10.60 -0.52 23.69
CA GLU B 95 -11.68 -0.28 24.66
C GLU B 95 -11.34 0.86 25.62
N LYS B 96 -10.11 0.91 26.11
CA LYS B 96 -9.72 1.90 27.12
C LYS B 96 -9.17 3.22 26.57
N PHE B 97 -8.58 3.16 25.37
CA PHE B 97 -7.91 4.31 24.78
C PHE B 97 -8.62 4.87 23.55
N SER B 98 -8.52 6.18 23.37
CA SER B 98 -8.97 6.84 22.17
C SER B 98 -8.04 6.48 21.04
N GLN B 99 -8.48 6.73 19.81
CA GLN B 99 -7.70 6.42 18.63
C GLN B 99 -6.45 7.26 18.57
N THR B 100 -6.58 8.53 18.96
CA THR B 100 -5.41 9.40 19.14
C THR B 100 -4.35 8.70 20.00
N ASP B 101 -4.75 8.22 21.17
CA ASP B 101 -3.80 7.57 22.06
C ASP B 101 -3.11 6.38 21.41
N ILE B 102 -3.86 5.59 20.64
CA ILE B 102 -3.30 4.44 19.95
C ILE B 102 -2.32 4.90 18.87
N LEU B 103 -2.68 5.98 18.19
CA LEU B 103 -1.84 6.55 17.16
C LEU B 103 -0.49 6.96 17.77
N ILE B 104 -0.55 7.62 18.92
CA ILE B 104 0.64 8.04 19.64
C ILE B 104 1.50 6.84 20.01
N LEU B 105 0.89 5.83 20.64
CA LEU B 105 1.60 4.64 21.08
C LEU B 105 2.34 3.97 19.93
N MET B 106 1.70 3.86 18.78
CA MET B 106 2.29 3.14 17.65
C MET B 106 3.40 3.92 16.98
N THR B 107 3.18 5.23 16.84
CA THR B 107 4.10 6.07 16.12
C THR B 107 5.37 6.21 16.95
N ALA B 108 5.20 6.49 18.24
CA ALA B 108 6.32 6.59 19.16
C ALA B 108 7.12 5.30 19.19
N ALA B 109 6.44 4.16 19.19
CA ALA B 109 7.15 2.88 19.17
C ALA B 109 8.02 2.76 17.93
N ILE B 110 7.48 3.13 16.78
CA ILE B 110 8.23 3.06 15.52
C ILE B 110 9.39 4.03 15.55
N CYS B 111 9.21 5.16 16.21
CA CYS B 111 10.19 6.24 16.14
C CYS B 111 11.28 6.26 17.22
N HIS B 112 11.08 5.51 18.30
CA HIS B 112 11.82 5.74 19.55
C HIS B 112 13.35 5.63 19.51
N ASP B 113 13.93 5.01 18.50
CA ASP B 113 15.40 4.88 18.43
C ASP B 113 16.03 5.44 17.16
N LEU B 114 15.25 6.22 16.41
CA LEU B 114 15.72 6.85 15.19
C LEU B 114 17.13 7.42 15.34
N ASP B 115 18.00 7.03 14.41
CA ASP B 115 19.38 7.51 14.33
C ASP B 115 20.20 7.26 15.60
N HIS B 116 19.99 6.12 16.24
CA HIS B 116 20.80 5.70 17.37
C HIS B 116 22.23 5.45 16.89
N PRO B 117 23.22 6.15 17.50
CA PRO B 117 24.64 6.06 17.10
C PRO B 117 25.33 4.78 17.53
N GLY B 118 24.65 3.97 18.34
CA GLY B 118 25.23 2.74 18.87
C GLY B 118 26.03 2.89 20.15
N TYR B 119 25.96 4.06 20.79
CA TYR B 119 26.64 4.32 22.05
C TYR B 119 25.68 5.04 23.00
N ASN B 120 25.64 4.60 24.25
CA ASN B 120 24.61 5.08 25.18
C ASN B 120 24.82 6.53 25.66
N ASN B 121 23.86 7.03 26.44
CA ASN B 121 23.91 8.40 26.92
C ASN B 121 25.20 8.70 27.68
N THR B 122 25.66 7.73 28.45
CA THR B 122 26.83 7.92 29.30
C THR B 122 28.05 8.16 28.44
N TYR B 123 28.14 7.43 27.33
CA TYR B 123 29.19 7.69 26.41
C TYR B 123 29.14 9.14 25.92
N GLN B 124 27.98 9.58 25.43
CA GLN B 124 27.81 10.94 24.91
C GLN B 124 28.26 12.03 25.90
N ILE B 125 27.82 11.88 27.15
CA ILE B 125 28.09 12.84 28.19
C ILE B 125 29.56 12.88 28.59
N ASN B 126 30.17 11.69 28.74
CA ASN B 126 31.58 11.56 29.13
C ASN B 126 32.56 11.95 28.05
N ALA B 127 32.18 11.73 26.79
CA ALA B 127 33.06 12.01 25.64
C ALA B 127 32.76 13.40 25.11
N ARG B 128 31.84 14.08 25.78
CA ARG B 128 31.37 15.41 25.37
C ARG B 128 31.12 15.48 23.87
N THR B 129 30.23 14.63 23.37
CA THR B 129 29.88 14.61 21.94
C THR B 129 29.02 15.80 21.49
N GLU B 130 28.83 15.94 20.19
CA GLU B 130 27.88 16.92 19.65
C GLU B 130 26.50 16.85 20.34
N LEU B 131 25.97 15.63 20.47
CA LEU B 131 24.65 15.43 21.05
C LEU B 131 24.59 15.85 22.50
N ALA B 132 25.65 15.59 23.27
CA ALA B 132 25.68 15.99 24.68
C ALA B 132 25.75 17.50 24.83
N VAL B 133 26.56 18.11 23.99
CA VAL B 133 26.64 19.56 23.97
C VAL B 133 25.29 20.15 23.56
N ARG B 134 24.68 19.57 22.52
CA ARG B 134 23.43 20.06 21.99
C ARG B 134 22.28 19.96 22.99
N TYR B 135 22.26 18.89 23.77
CA TYR B 135 21.18 18.68 24.71
C TYR B 135 21.54 18.88 26.19
N ASN B 136 22.70 19.47 26.44
CA ASN B 136 23.08 19.84 27.81
C ASN B 136 23.02 18.68 28.78
N ASP B 137 23.57 17.54 28.35
CA ASP B 137 23.53 16.28 29.08
C ASP B 137 22.13 15.80 29.53
N ILE B 138 21.04 16.35 28.98
CA ILE B 138 19.72 15.86 29.37
C ILE B 138 19.18 14.90 28.31
N SER B 139 19.13 13.61 28.67
CA SER B 139 18.69 12.52 27.79
C SER B 139 19.01 12.76 26.33
N PRO B 140 20.31 12.97 26.03
CA PRO B 140 20.64 13.39 24.66
C PRO B 140 20.13 12.45 23.59
N LEU B 141 20.23 11.14 23.78
CA LEU B 141 19.79 10.19 22.73
C LEU B 141 18.29 10.30 22.45
N GLU B 142 17.48 10.14 23.50
CA GLU B 142 16.03 10.26 23.37
C GLU B 142 15.58 11.60 22.77
N ASN B 143 16.15 12.72 23.19
CA ASN B 143 15.85 14.00 22.54
C ASN B 143 16.15 13.97 21.05
N HIS B 144 17.27 13.37 20.69
CA HIS B 144 17.67 13.32 19.30
C HIS B 144 16.75 12.41 18.49
N HIS B 145 16.32 11.30 19.10
CA HIS B 145 15.43 10.35 18.44
C HIS B 145 14.16 11.09 18.05
N CYS B 146 13.70 11.86 19.02
CA CYS B 146 12.45 12.52 18.91
C CYS B 146 12.57 13.67 17.91
N ALA B 147 13.69 14.37 17.95
CA ALA B 147 13.95 15.42 16.98
C ALA B 147 13.99 14.88 15.55
N VAL B 148 14.63 13.75 15.34
CA VAL B 148 14.70 13.17 13.99
C VAL B 148 13.30 12.74 13.51
N ALA B 149 12.48 12.25 14.43
CA ALA B 149 11.12 11.83 14.11
C ALA B 149 10.32 12.98 13.51
N PHE B 150 10.44 14.15 14.11
CA PHE B 150 9.64 15.27 13.67
C PHE B 150 10.24 15.95 12.46
N GLN B 151 11.54 15.78 12.26
CA GLN B 151 12.18 16.25 11.04
C GLN B 151 11.64 15.52 9.82
N ILE B 152 11.56 14.19 9.93
CA ILE B 152 10.94 13.34 8.94
C ILE B 152 9.49 13.73 8.66
N LEU B 153 8.72 13.99 9.71
CA LEU B 153 7.30 14.36 9.56
C LEU B 153 7.09 15.80 9.10
N ALA B 154 8.13 16.63 9.15
CA ALA B 154 8.03 18.02 8.70
C ALA B 154 8.18 18.05 7.19
N GLU B 155 8.75 16.99 6.63
CA GLU B 155 8.85 16.80 5.19
C GLU B 155 7.47 16.45 4.59
N PRO B 156 6.95 17.31 3.70
CA PRO B 156 5.67 17.12 3.02
C PRO B 156 5.39 15.68 2.52
N GLU B 157 6.34 15.09 1.79
CA GLU B 157 6.11 13.73 1.28
C GLU B 157 5.83 12.73 2.42
N CYS B 158 6.52 12.87 3.55
CA CYS B 158 6.44 11.90 4.64
C CYS B 158 5.41 12.23 5.73
N ASN B 159 4.68 13.33 5.56
CA ASN B 159 3.82 13.80 6.64
C ASN B 159 2.47 13.07 6.76
N ILE B 160 2.49 11.92 7.40
CA ILE B 160 1.28 11.15 7.66
C ILE B 160 0.23 11.92 8.48
N PHE B 161 0.62 13.08 9.01
CA PHE B 161 -0.25 13.85 9.88
C PHE B 161 -0.89 15.03 9.17
N SER B 162 -0.66 15.15 7.87
CA SER B 162 -1.15 16.30 7.08
C SER B 162 -2.67 16.52 7.10
N ASN B 163 -3.47 15.49 7.38
CA ASN B 163 -4.91 15.71 7.41
C ASN B 163 -5.50 15.90 8.80
N ILE B 164 -4.66 16.35 9.72
CA ILE B 164 -5.10 16.53 11.09
C ILE B 164 -5.07 18.02 11.45
N PRO B 165 -6.22 18.56 11.90
CA PRO B 165 -6.26 19.95 12.38
C PRO B 165 -5.13 20.25 13.38
N PRO B 166 -4.59 21.49 13.36
CA PRO B 166 -3.50 21.90 14.26
C PRO B 166 -3.65 21.48 15.72
N ASP B 167 -4.86 21.53 16.27
CA ASP B 167 -5.07 21.16 17.67
C ASP B 167 -4.90 19.68 17.96
N GLY B 168 -5.13 18.86 16.93
CA GLY B 168 -4.83 17.43 17.02
C GLY B 168 -3.33 17.17 16.93
N PHE B 169 -2.66 17.81 15.99
CA PHE B 169 -1.23 17.68 15.86
C PHE B 169 -0.57 17.98 17.20
N LYS B 170 -0.87 19.14 17.77
CA LYS B 170 -0.27 19.54 19.03
C LYS B 170 -0.41 18.48 20.13
N GLN B 171 -1.58 17.86 20.20
CA GLN B 171 -1.82 16.80 21.16
C GLN B 171 -1.00 15.53 20.86
N ILE B 172 -0.88 15.19 19.57
CA ILE B 172 -0.11 14.01 19.15
C ILE B 172 1.38 14.21 19.42
N ARG B 173 1.91 15.34 18.96
CA ARG B 173 3.30 15.68 19.16
C ARG B 173 3.69 15.63 20.63
N GLN B 174 2.89 16.25 21.48
CA GLN B 174 3.13 16.23 22.93
C GLN B 174 3.16 14.82 23.49
N GLY B 175 2.31 13.94 22.96
CA GLY B 175 2.24 12.55 23.42
C GLY B 175 3.47 11.77 23.02
N MET B 176 3.84 11.89 21.74
CA MET B 176 5.03 11.22 21.25
C MET B 176 6.26 11.61 22.07
N ILE B 177 6.50 12.91 22.22
CA ILE B 177 7.60 13.42 23.00
C ILE B 177 7.67 12.76 24.38
N THR B 178 6.59 12.85 25.13
CA THR B 178 6.55 12.22 26.43
C THR B 178 7.00 10.77 26.30
N LEU B 179 6.36 10.01 25.41
CA LEU B 179 6.66 8.59 25.30
C LEU B 179 8.11 8.33 24.91
N ILE B 180 8.60 9.01 23.88
CA ILE B 180 9.93 8.73 23.43
C ILE B 180 10.94 9.10 24.51
N LEU B 181 10.72 10.24 25.19
CA LEU B 181 11.66 10.60 26.23
C LEU B 181 11.65 9.61 27.39
N ALA B 182 10.52 8.95 27.61
CA ALA B 182 10.39 8.00 28.70
C ALA B 182 11.18 6.71 28.50
N THR B 183 11.69 6.49 27.29
CA THR B 183 12.46 5.26 27.05
C THR B 183 13.88 5.33 27.57
N ASP B 184 14.29 6.46 28.14
CA ASP B 184 15.63 6.63 28.72
C ASP B 184 15.68 5.84 30.02
N MET B 185 16.45 4.75 30.06
CA MET B 185 16.50 3.89 31.25
C MET B 185 16.88 4.59 32.57
N ALA B 186 17.65 5.67 32.49
CA ALA B 186 18.01 6.44 33.68
C ALA B 186 16.78 6.84 34.49
N ARG B 187 15.66 7.05 33.81
CA ARG B 187 14.42 7.48 34.46
C ARG B 187 13.55 6.33 34.95
N HIS B 188 13.98 5.09 34.72
CA HIS B 188 13.18 3.91 35.03
C HIS B 188 12.52 3.97 36.39
N ALA B 189 13.34 4.05 37.43
CA ALA B 189 12.85 3.98 38.81
C ALA B 189 11.81 5.07 39.08
N GLU B 190 12.14 6.29 38.68
CA GLU B 190 11.24 7.44 38.80
C GLU B 190 9.84 7.13 38.21
N ILE B 191 9.83 6.71 36.95
CA ILE B 191 8.59 6.43 36.24
C ILE B 191 7.84 5.29 36.91
N MET B 192 8.56 4.22 37.21
CA MET B 192 7.95 3.11 37.93
C MET B 192 7.25 3.56 39.20
N ASP B 193 7.95 4.36 40.02
CA ASP B 193 7.39 4.92 41.24
C ASP B 193 6.08 5.70 41.06
N SER B 194 6.11 6.69 40.18
CA SER B 194 4.93 7.47 39.83
C SER B 194 3.80 6.55 39.40
N PHE B 195 4.12 5.57 38.56
CA PHE B 195 3.12 4.62 38.13
C PHE B 195 2.55 3.86 39.32
N LYS B 196 3.43 3.25 40.10
CA LYS B 196 3.00 2.49 41.29
C LYS B 196 2.13 3.32 42.23
N GLU B 197 2.51 4.59 42.43
CA GLU B 197 1.76 5.51 43.25
C GLU B 197 0.33 5.68 42.75
N LYS B 198 0.17 6.02 41.47
CA LYS B 198 -1.15 6.19 40.87
C LYS B 198 -1.88 4.85 40.77
N MET B 199 -1.11 3.78 40.74
CA MET B 199 -1.64 2.42 40.60
C MET B 199 -2.50 2.01 41.80
N GLU B 200 -2.38 2.73 42.90
CA GLU B 200 -3.15 2.42 44.11
C GLU B 200 -4.66 2.68 43.95
N ASN B 201 -5.02 3.77 43.27
CA ASN B 201 -6.42 4.07 42.98
C ASN B 201 -6.57 4.59 41.54
N PHE B 202 -6.40 3.69 40.58
CA PHE B 202 -6.28 4.03 39.16
C PHE B 202 -7.61 4.44 38.51
N ASP B 203 -7.56 5.49 37.71
CA ASP B 203 -8.74 6.04 37.05
C ASP B 203 -8.50 6.29 35.56
N TYR B 204 -9.21 5.52 34.72
CA TYR B 204 -9.02 5.55 33.28
C TYR B 204 -9.45 6.87 32.62
N SER B 205 -9.96 7.80 33.42
CA SER B 205 -10.35 9.09 32.87
C SER B 205 -9.53 10.25 33.46
N ASN B 206 -8.61 9.91 34.37
CA ASN B 206 -7.58 10.86 34.84
C ASN B 206 -6.40 10.87 33.86
N GLU B 207 -6.22 12.00 33.17
CA GLU B 207 -5.23 12.14 32.10
C GLU B 207 -3.78 11.82 32.50
N GLU B 208 -3.42 12.17 33.74
CA GLU B 208 -2.06 11.94 34.22
C GLU B 208 -1.84 10.47 34.53
N HIS B 209 -2.89 9.79 34.97
CA HIS B 209 -2.88 8.34 35.10
C HIS B 209 -2.64 7.68 33.74
N MET B 210 -3.36 8.14 32.73
CA MET B 210 -3.26 7.56 31.40
C MET B 210 -1.88 7.77 30.79
N THR B 211 -1.34 8.97 30.99
CA THR B 211 -0.02 9.34 30.49
C THR B 211 1.03 8.38 31.02
N LEU B 212 0.96 8.12 32.33
CA LEU B 212 1.88 7.19 32.94
C LEU B 212 1.70 5.78 32.41
N LEU B 213 0.45 5.39 32.16
CA LEU B 213 0.20 4.06 31.61
C LEU B 213 0.81 3.97 30.22
N LYS B 214 0.64 5.02 29.42
CA LYS B 214 1.20 4.99 28.08
C LYS B 214 2.71 4.89 28.19
N MET B 215 3.28 5.64 29.10
CA MET B 215 4.71 5.59 29.34
C MET B 215 5.16 4.17 29.70
N ILE B 216 4.47 3.54 30.64
CA ILE B 216 4.78 2.18 31.01
C ILE B 216 4.61 1.23 29.82
N LEU B 217 3.55 1.41 29.03
CA LEU B 217 3.35 0.58 27.85
C LEU B 217 4.53 0.63 26.89
N ILE B 218 5.00 1.83 26.55
CA ILE B 218 6.10 1.89 25.61
C ILE B 218 7.40 1.33 26.19
N LYS B 219 7.63 1.60 27.47
CA LYS B 219 8.75 1.02 28.19
C LYS B 219 8.70 -0.50 28.13
N CYS B 220 7.53 -1.07 28.36
CA CYS B 220 7.34 -2.51 28.21
C CYS B 220 7.77 -3.02 26.86
N CYS B 221 7.26 -2.42 25.79
CA CYS B 221 7.61 -2.89 24.44
C CYS B 221 9.08 -2.69 24.13
N ASP B 222 9.63 -1.62 24.67
CA ASP B 222 11.01 -1.26 24.41
C ASP B 222 11.96 -2.41 24.75
N ILE B 223 11.71 -3.06 25.89
CA ILE B 223 12.61 -4.05 26.44
C ILE B 223 11.92 -5.41 26.54
N SER B 224 11.03 -5.68 25.58
CA SER B 224 10.15 -6.84 25.63
C SER B 224 10.76 -8.09 24.98
N ASN B 225 12.02 -8.00 24.56
CA ASN B 225 12.68 -9.13 23.89
C ASN B 225 12.62 -10.41 24.71
N ALA B 226 12.98 -10.32 25.99
CA ALA B 226 13.00 -11.48 26.86
C ALA B 226 11.61 -12.13 27.09
N VAL B 227 10.57 -11.46 26.60
CA VAL B 227 9.18 -11.96 26.71
C VAL B 227 8.85 -12.94 25.59
N ARG B 228 9.56 -12.77 24.47
CA ARG B 228 9.40 -13.60 23.31
C ARG B 228 9.98 -14.99 23.56
N PRO B 229 9.51 -16.01 22.79
CA PRO B 229 10.05 -17.37 22.89
C PRO B 229 11.57 -17.44 22.76
N MET B 230 12.17 -18.40 23.48
CA MET B 230 13.63 -18.53 23.63
C MET B 230 14.41 -18.39 22.32
N GLU B 231 13.94 -19.06 21.26
CA GLU B 231 14.63 -19.04 19.97
C GLU B 231 14.72 -17.63 19.42
N VAL B 232 13.70 -16.82 19.69
CA VAL B 232 13.64 -15.45 19.20
C VAL B 232 14.39 -14.50 20.14
N ALA B 233 14.20 -14.70 21.45
CA ALA B 233 14.79 -13.85 22.48
C ALA B 233 16.30 -13.90 22.55
N GLU B 234 16.85 -15.10 22.39
CA GLU B 234 18.26 -15.39 22.67
C GLU B 234 19.28 -14.62 21.82
N PRO B 235 19.07 -14.53 20.48
CA PRO B 235 20.03 -13.80 19.63
C PRO B 235 20.11 -12.31 19.93
N TRP B 236 19.00 -11.72 20.39
CA TRP B 236 18.94 -10.30 20.76
C TRP B 236 19.92 -9.93 21.88
N VAL B 237 20.02 -10.81 22.88
CA VAL B 237 20.99 -10.66 23.95
C VAL B 237 22.40 -10.57 23.41
N ASP B 238 22.75 -11.42 22.44
CA ASP B 238 24.10 -11.40 21.85
C ASP B 238 24.35 -10.08 21.16
N CYS B 239 23.35 -9.60 20.44
CA CYS B 239 23.43 -8.34 19.73
C CYS B 239 23.62 -7.18 20.69
N LEU B 240 22.88 -7.19 21.79
CA LEU B 240 22.99 -6.15 22.79
C LEU B 240 24.41 -6.12 23.39
N LEU B 241 24.86 -7.27 23.86
CA LEU B 241 26.21 -7.40 24.39
C LEU B 241 27.26 -7.02 23.37
N GLU B 242 27.01 -7.32 22.09
CA GLU B 242 27.94 -6.95 21.05
C GLU B 242 28.11 -5.43 21.06
N GLU B 243 26.99 -4.72 21.08
CA GLU B 243 26.97 -3.25 21.11
C GLU B 243 27.66 -2.66 22.35
N TYR B 244 27.37 -3.25 23.51
CA TYR B 244 27.98 -2.83 24.77
C TYR B 244 29.49 -2.98 24.75
N PHE B 245 29.98 -4.12 24.24
CA PHE B 245 31.42 -4.39 24.22
C PHE B 245 32.14 -3.41 23.30
N MET B 246 31.52 -3.15 22.14
CA MET B 246 32.00 -2.15 21.21
C MET B 246 32.23 -0.79 21.88
N GLN B 247 31.27 -0.38 22.72
CA GLN B 247 31.37 0.87 23.47
C GLN B 247 32.52 0.85 24.49
N SER B 248 32.53 -0.15 25.37
CA SER B 248 33.57 -0.30 26.39
C SER B 248 34.98 -0.39 25.79
N ASP B 249 35.11 -1.05 24.64
CA ASP B 249 36.40 -1.09 23.96
C ASP B 249 36.85 0.32 23.62
N ARG B 250 35.96 1.10 23.02
CA ARG B 250 36.23 2.51 22.74
C ARG B 250 36.53 3.28 24.04
N GLU B 251 35.66 3.14 25.04
CA GLU B 251 35.83 3.81 26.34
C GLU B 251 37.20 3.49 26.97
N LYS B 252 37.61 2.21 26.93
CA LYS B 252 38.92 1.77 27.41
C LYS B 252 40.02 2.41 26.59
N SER B 253 39.85 2.36 25.27
CA SER B 253 40.83 2.86 24.31
C SER B 253 41.01 4.40 24.34
N GLU B 254 40.05 5.14 24.88
CA GLU B 254 40.13 6.60 24.89
C GLU B 254 40.28 7.15 26.30
N GLY B 255 40.30 6.26 27.28
CA GLY B 255 40.51 6.61 28.68
C GLY B 255 39.28 7.17 29.38
N LEU B 256 38.11 6.61 29.07
CA LEU B 256 36.85 7.08 29.66
C LEU B 256 36.30 6.04 30.64
N PRO B 257 35.48 6.48 31.60
CA PRO B 257 34.90 5.49 32.50
C PRO B 257 34.22 4.35 31.74
N VAL B 258 34.49 3.13 32.20
CA VAL B 258 33.84 1.94 31.69
C VAL B 258 32.85 1.47 32.76
N ALA B 259 31.62 1.21 32.34
CA ALA B 259 30.61 0.66 33.23
C ALA B 259 30.89 -0.84 33.38
N PRO B 260 30.98 -1.32 34.63
CA PRO B 260 31.16 -2.77 34.83
C PRO B 260 30.16 -3.59 34.02
N PHE B 261 28.88 -3.21 33.99
CA PHE B 261 27.87 -3.99 33.28
C PHE B 261 28.09 -4.07 31.78
N MET B 262 29.00 -3.26 31.24
CA MET B 262 29.29 -3.29 29.82
C MET B 262 30.67 -3.88 29.52
N ASP B 263 31.38 -4.25 30.58
CA ASP B 263 32.76 -4.70 30.48
C ASP B 263 32.88 -6.13 30.00
N ARG B 264 33.48 -6.28 28.82
CA ARG B 264 33.86 -7.57 28.27
C ARG B 264 34.51 -8.51 29.31
N ASP B 265 35.36 -7.96 30.17
CA ASP B 265 36.06 -8.79 31.15
C ASP B 265 35.15 -9.23 32.31
N LYS B 266 34.10 -8.47 32.60
CA LYS B 266 33.28 -8.73 33.79
C LYS B 266 31.90 -9.35 33.57
N VAL B 267 31.46 -9.47 32.32
CA VAL B 267 30.04 -9.74 32.07
C VAL B 267 29.79 -11.07 31.40
N THR B 268 28.81 -11.81 31.91
CA THR B 268 28.39 -13.06 31.29
C THR B 268 26.91 -12.98 30.89
N LYS B 269 26.55 -13.55 29.73
CA LYS B 269 25.16 -13.60 29.28
C LYS B 269 24.16 -13.80 30.42
N ALA B 270 24.43 -14.81 31.25
CA ALA B 270 23.50 -15.22 32.28
C ALA B 270 23.38 -14.19 33.40
N THR B 271 24.51 -13.76 33.96
CA THR B 271 24.49 -12.78 35.07
C THR B 271 23.82 -11.46 34.63
N ALA B 272 24.10 -11.06 33.39
CA ALA B 272 23.47 -9.89 32.78
C ALA B 272 21.93 -10.03 32.73
N GLN B 273 21.47 -11.18 32.23
CA GLN B 273 20.05 -11.42 32.05
C GLN B 273 19.29 -11.64 33.35
N ILE B 274 19.94 -12.28 34.31
CA ILE B 274 19.24 -12.73 35.52
C ILE B 274 18.69 -11.58 36.34
N GLY B 275 19.57 -10.65 36.72
CA GLY B 275 19.18 -9.49 37.50
C GLY B 275 18.21 -8.61 36.74
N PHE B 276 18.47 -8.45 35.45
CA PHE B 276 17.62 -7.68 34.58
C PHE B 276 16.18 -8.21 34.53
N ILE B 277 16.03 -9.50 34.28
CA ILE B 277 14.70 -10.11 34.26
C ILE B 277 14.08 -9.99 35.65
N LYS B 278 14.84 -10.39 36.67
CA LYS B 278 14.33 -10.46 38.04
C LYS B 278 13.93 -9.12 38.63
N PHE B 279 14.72 -8.09 38.40
CA PHE B 279 14.52 -6.84 39.14
C PHE B 279 13.99 -5.68 38.34
N VAL B 280 14.20 -5.72 37.02
CA VAL B 280 13.63 -4.71 36.13
C VAL B 280 12.37 -5.23 35.46
N LEU B 281 12.49 -6.31 34.67
CA LEU B 281 11.37 -6.79 33.86
C LEU B 281 10.19 -7.31 34.65
N ILE B 282 10.40 -8.33 35.49
CA ILE B 282 9.31 -8.98 36.22
C ILE B 282 8.46 -7.99 37.05
N PRO B 283 9.09 -7.18 37.92
CA PRO B 283 8.27 -6.23 38.67
C PRO B 283 7.43 -5.31 37.77
N MET B 284 8.02 -4.81 36.67
CA MET B 284 7.31 -3.91 35.76
C MET B 284 6.04 -4.58 35.20
N PHE B 285 6.20 -5.77 34.63
CA PHE B 285 5.04 -6.52 34.14
C PHE B 285 4.05 -6.90 35.25
N GLU B 286 4.55 -7.31 36.41
CA GLU B 286 3.70 -7.60 37.58
C GLU B 286 2.68 -6.47 37.82
N THR B 287 3.16 -5.23 37.80
CA THR B 287 2.32 -4.04 38.01
C THR B 287 1.30 -3.85 36.90
N VAL B 288 1.70 -4.10 35.66
CA VAL B 288 0.78 -3.98 34.52
C VAL B 288 -0.34 -5.04 34.61
N THR B 289 0.01 -6.20 35.17
CA THR B 289 -0.93 -7.33 35.27
C THR B 289 -2.13 -7.04 36.16
N LYS B 290 -1.92 -6.12 37.10
CA LYS B 290 -3.01 -5.67 37.95
C LYS B 290 -4.11 -4.99 37.14
N LEU B 291 -3.72 -4.24 36.09
CA LEU B 291 -4.71 -3.64 35.17
C LEU B 291 -5.18 -4.60 34.10
N PHE B 292 -4.29 -5.47 33.61
CA PHE B 292 -4.61 -6.40 32.52
C PHE B 292 -4.21 -7.84 32.84
N PRO B 293 -5.11 -8.60 33.48
CA PRO B 293 -4.82 -9.96 33.98
C PRO B 293 -4.19 -10.91 32.93
N MET B 294 -4.68 -10.86 31.70
CA MET B 294 -4.19 -11.68 30.57
C MET B 294 -2.67 -11.63 30.35
N VAL B 295 -2.06 -10.54 30.81
CA VAL B 295 -0.62 -10.30 30.66
C VAL B 295 0.20 -11.35 31.41
N GLU B 296 -0.34 -11.87 32.50
CA GLU B 296 0.35 -12.89 33.28
C GLU B 296 0.63 -14.13 32.45
N GLU B 297 -0.42 -14.68 31.85
CA GLU B 297 -0.32 -15.88 31.03
C GLU B 297 0.58 -15.65 29.82
N ILE B 298 0.49 -14.47 29.22
CA ILE B 298 1.18 -14.19 27.97
C ILE B 298 2.58 -13.61 28.16
N MET B 299 2.75 -12.69 29.10
CA MET B 299 4.05 -12.04 29.33
C MET B 299 4.87 -12.62 30.48
N LEU B 300 4.22 -12.80 31.63
CA LEU B 300 4.93 -13.22 32.84
C LEU B 300 5.42 -14.66 32.73
N GLN B 301 4.54 -15.54 32.26
CA GLN B 301 4.88 -16.93 32.02
C GLN B 301 6.28 -17.09 31.39
N PRO B 302 6.46 -16.59 30.14
CA PRO B 302 7.77 -16.79 29.48
C PRO B 302 8.94 -16.05 30.15
N LEU B 303 8.66 -14.98 30.87
CA LEU B 303 9.71 -14.29 31.63
C LEU B 303 10.19 -15.14 32.80
N TRP B 304 9.26 -15.79 33.50
CA TRP B 304 9.60 -16.75 34.57
C TRP B 304 10.46 -17.88 34.03
N GLU B 305 10.05 -18.43 32.87
CA GLU B 305 10.81 -19.48 32.19
C GLU B 305 12.21 -19.03 31.85
N SER B 306 12.32 -17.81 31.33
CA SER B 306 13.61 -17.24 30.95
C SER B 306 14.50 -17.06 32.18
N ARG B 307 13.91 -16.57 33.26
CA ARG B 307 14.61 -16.45 34.53
C ARG B 307 15.22 -17.79 34.91
N ASP B 308 14.40 -18.84 34.90
CA ASP B 308 14.83 -20.15 35.32
C ASP B 308 15.92 -20.73 34.41
N ARG B 309 15.68 -20.66 33.11
CA ARG B 309 16.66 -21.05 32.09
C ARG B 309 18.02 -20.38 32.33
N TYR B 310 18.01 -19.08 32.61
CA TYR B 310 19.27 -18.37 32.83
C TYR B 310 19.89 -18.63 34.19
N GLU B 311 19.06 -18.90 35.19
CA GLU B 311 19.58 -19.24 36.52
C GLU B 311 20.30 -20.57 36.45
N GLU B 312 19.66 -21.54 35.80
CA GLU B 312 20.27 -22.84 35.56
C GLU B 312 21.55 -22.73 34.75
N LEU B 313 21.55 -21.87 33.75
CA LEU B 313 22.74 -21.64 32.93
C LEU B 313 23.90 -21.04 33.74
N LYS B 314 23.57 -20.29 34.78
CA LYS B 314 24.59 -19.71 35.63
C LYS B 314 25.28 -20.80 36.45
N ARG B 315 24.46 -21.69 37.05
CA ARG B 315 24.97 -22.86 37.77
C ARG B 315 25.99 -23.60 36.90
N ILE B 316 25.59 -23.88 35.66
CA ILE B 316 26.47 -24.49 34.69
C ILE B 316 27.73 -23.65 34.48
N ASP B 317 27.57 -22.35 34.25
CA ASP B 317 28.70 -21.45 34.05
C ASP B 317 29.69 -21.51 35.22
N ASP B 318 29.16 -21.47 36.45
CA ASP B 318 29.96 -21.52 37.66
C ASP B 318 30.73 -22.83 37.81
N ALA B 319 30.01 -23.94 37.68
CA ALA B 319 30.58 -25.28 37.79
C ALA B 319 31.72 -25.54 36.80
N MET B 320 31.56 -25.01 35.58
CA MET B 320 32.57 -25.12 34.53
C MET B 320 33.84 -24.33 34.84
N LYS B 321 33.68 -23.12 35.37
CA LYS B 321 34.84 -22.26 35.62
C LYS B 321 35.54 -22.64 36.93
N GLU B 322 34.76 -23.19 37.85
CA GLU B 322 35.30 -23.80 39.06
C GLU B 322 36.27 -24.92 38.66
N LEU B 323 35.82 -25.77 37.75
CA LEU B 323 36.61 -26.90 37.27
C LEU B 323 37.98 -26.56 36.73
N GLN B 324 38.10 -25.39 36.11
CA GLN B 324 39.31 -25.04 35.36
C GLN B 324 40.48 -24.57 36.23
N LYS B 325 40.27 -24.46 37.54
CA LYS B 325 41.36 -24.09 38.47
C LYS B 325 41.66 -25.15 39.55
N LYS B 326 40.66 -25.52 40.35
CA LYS B 326 40.85 -26.50 41.43
C LYS B 326 40.26 -27.87 41.07
N9 IBM C . -7.86 3.69 -33.10
C8 IBM C . -7.20 4.19 -32.03
N7 IBM C . -7.63 3.55 -30.91
C5 IBM C . -8.57 2.64 -31.29
C4 IBM C . -8.71 2.73 -32.66
N3 IBM C . -9.56 1.96 -33.36
C2 IBM C . -10.32 1.07 -32.69
N1 IBM C . -10.21 0.93 -31.28
C6 IBM C . -9.34 1.72 -30.59
O6 IBM C . -9.18 1.67 -29.24
O2 IBM C . -11.13 0.35 -33.33
C10 IBM C . -11.04 -0.06 -30.58
C11 IBM C . -9.70 2.07 -34.83
C12 IBM C . -8.34 1.94 -35.51
C13 IBM C . -8.01 3.17 -36.34
C14 IBM C . -8.26 0.72 -36.42
ZN ZN D . -10.48 -2.69 -24.61
MG MG E . -12.15 -5.61 -25.47
ZN ZN F . 14.99 0.83 22.14
MG MG G . 16.57 3.68 23.07
N9 IBM H . 21.16 -5.20 30.74
C8 IBM H . 20.83 -6.44 30.31
N7 IBM H . 19.85 -6.36 29.37
C5 IBM H . 19.54 -5.07 29.21
C4 IBM H . 20.36 -4.35 30.07
N3 IBM H . 20.32 -3.00 30.15
C2 IBM H . 19.44 -2.33 29.37
N1 IBM H . 18.59 -3.04 28.48
C6 IBM H . 18.66 -4.37 28.41
O6 IBM H . 17.85 -5.08 27.57
O2 IBM H . 19.37 -1.07 29.41
C10 IBM H . 17.65 -2.28 27.64
C11 IBM H . 21.20 -2.28 31.07
C12 IBM H . 20.57 -2.22 32.45
C13 IBM H . 20.74 -0.84 33.04
C14 IBM H . 21.19 -3.28 33.34
CL CL I . 7.26 -17.70 39.98
#